data_7QRB
#
_entry.id   7QRB
#
_cell.length_a   49.123
_cell.length_b   84.588
_cell.length_c   89.281
_cell.angle_alpha   71.080
_cell.angle_beta   74.100
_cell.angle_gamma   87.220
#
_symmetry.space_group_name_H-M   'P 1'
#
loop_
_entity.id
_entity.type
_entity.pdbx_description
1 polymer 'Casein kinase I isoform delta'
2 non-polymer 'SULFATE ION'
3 non-polymer 3-(dimethylamino)-~{N}-[4-[4-(4-fluorophenyl)-5-(1~{H}-pyrrolo[2,3-b]pyridin-4-yl)imidazol-1-yl]cyclohexyl]propane-1-sulfonamide
4 water water
#
_entity_poly.entity_id   1
_entity_poly.type   'polypeptide(L)'
_entity_poly.pdbx_seq_one_letter_code
;SMMELRVGNRYRLGRKIGSGSFGDIYLGTDIAAGEEVAIKLECVKTKHPQLHIESKIYKMMQGGVGIPTIRWCGAEGDYN
VMVMELLGPSLEDLFNFCSRKFSLKTVLLLADQMISRIEYIHSKNFIHRDVKPDNFLMGLGKKGNLVYIIDFGLAKKYRD
ARTHQHIPYRENKNLTGTARYASINTHLGIEQSRRDDLESLGYVLMYFNLGSLPWQGLKAATKRQKYERISEKKMSTPIE
VLCKGYPSEFATYLNFCRSLRFDDKPDYSYLRQLFRNLFHRQGFSYDYVFDWNMLK
;
_entity_poly.pdbx_strand_id   A,B,C,D
#
loop_
_chem_comp.id
_chem_comp.type
_chem_comp.name
_chem_comp.formula
EX9 non-polymer 3-(dimethylamino)-~{N}-[4-[4-(4-fluorophenyl)-5-(1~{H}-pyrrolo[2,3-b]pyridin-4-yl)imidazol-1-yl]cyclohexyl]propane-1-sulfonamide 'C27 H33 F N6 O2 S'
SO4 non-polymer 'SULFATE ION' 'O4 S -2'
#
# COMPACT_ATOMS: atom_id res chain seq x y z
N LEU A 5 1.67 1.53 -9.07
CA LEU A 5 2.13 0.34 -8.26
C LEU A 5 3.40 -0.26 -8.88
N ARG A 6 4.38 -0.60 -8.03
CA ARG A 6 5.58 -1.40 -8.39
C ARG A 6 5.15 -2.79 -8.90
N VAL A 7 5.95 -3.38 -9.77
CA VAL A 7 5.77 -4.73 -10.37
C VAL A 7 7.17 -5.24 -10.79
N GLY A 8 7.60 -6.38 -10.26
CA GLY A 8 8.90 -7.00 -10.59
C GLY A 8 10.08 -6.09 -10.30
N ASN A 9 9.89 -5.11 -9.40
CA ASN A 9 10.94 -4.27 -8.78
C ASN A 9 11.40 -3.15 -9.73
N ARG A 10 11.10 -3.23 -11.02
CA ARG A 10 11.65 -2.30 -12.04
C ARG A 10 10.57 -1.88 -13.05
N TYR A 11 9.32 -2.35 -12.88
CA TYR A 11 8.18 -1.97 -13.74
C TYR A 11 7.17 -1.19 -12.90
N ARG A 12 6.75 -0.04 -13.43
CA ARG A 12 5.65 0.82 -12.89
C ARG A 12 4.45 0.59 -13.78
N LEU A 13 3.31 0.26 -13.18
CA LEU A 13 2.10 -0.14 -13.91
C LEU A 13 1.27 1.10 -14.21
N GLY A 14 0.99 1.36 -15.48
CA GLY A 14 0.23 2.55 -15.91
C GLY A 14 -1.26 2.28 -15.89
N ARG A 15 -1.98 2.84 -16.86
CA ARG A 15 -3.44 2.75 -16.95
C ARG A 15 -3.84 1.58 -17.87
N LYS A 16 -4.99 0.98 -17.61
CA LYS A 16 -5.60 -0.12 -18.43
C LYS A 16 -5.88 0.42 -19.84
N ILE A 17 -5.22 -0.16 -20.86
CA ILE A 17 -5.34 0.26 -22.30
C ILE A 17 -6.29 -0.69 -23.02
N GLY A 18 -6.60 -1.83 -22.42
CA GLY A 18 -7.60 -2.76 -22.97
C GLY A 18 -7.55 -4.13 -22.31
N SER A 19 -7.93 -5.16 -23.05
CA SER A 19 -8.35 -6.47 -22.52
C SER A 19 -7.97 -7.56 -23.51
N GLY A 20 -7.50 -8.71 -23.00
CA GLY A 20 -7.06 -9.86 -23.84
C GLY A 20 -8.17 -10.90 -24.02
N SER A 21 -7.82 -12.08 -24.55
CA SER A 21 -8.67 -13.30 -24.58
C SER A 21 -8.96 -13.78 -23.14
N PHE A 22 -7.99 -13.63 -22.25
CA PHE A 22 -8.15 -13.62 -20.77
C PHE A 22 -7.24 -12.51 -20.23
N GLY A 23 -7.60 -11.89 -19.10
CA GLY A 23 -6.75 -10.90 -18.39
C GLY A 23 -6.86 -9.51 -19.01
N ASP A 24 -6.39 -8.50 -18.28
CA ASP A 24 -6.44 -7.07 -18.70
C ASP A 24 -5.03 -6.58 -19.04
N ILE A 25 -4.94 -5.62 -19.96
CA ILE A 25 -3.64 -5.07 -20.46
C ILE A 25 -3.43 -3.65 -19.92
N TYR A 26 -2.26 -3.39 -19.37
CA TYR A 26 -1.86 -2.07 -18.82
C TYR A 26 -0.63 -1.59 -19.57
N LEU A 27 -0.45 -0.28 -19.61
CA LEU A 27 0.69 0.38 -20.26
C LEU A 27 1.60 0.93 -19.18
N GLY A 28 2.68 0.21 -18.91
CA GLY A 28 3.58 0.51 -17.80
C GLY A 28 4.88 1.08 -18.31
N THR A 29 5.87 1.13 -17.43
CA THR A 29 7.20 1.69 -17.71
C THR A 29 8.25 0.78 -17.10
N ASP A 30 9.25 0.41 -17.89
CA ASP A 30 10.53 -0.14 -17.41
C ASP A 30 11.35 1.02 -16.83
N ILE A 31 11.19 1.29 -15.54
CA ILE A 31 11.80 2.45 -14.84
C ILE A 31 13.30 2.46 -15.10
N ALA A 32 13.90 1.26 -15.08
CA ALA A 32 15.36 1.04 -15.08
C ALA A 32 15.96 1.36 -16.44
N ALA A 33 15.26 1.03 -17.53
CA ALA A 33 15.77 1.12 -18.92
C ALA A 33 15.13 2.31 -19.64
N GLY A 34 14.19 2.99 -18.98
CA GLY A 34 13.37 4.07 -19.57
C GLY A 34 12.69 3.67 -20.89
N GLU A 35 11.98 2.53 -20.91
CA GLU A 35 11.13 2.08 -22.05
C GLU A 35 9.71 1.86 -21.54
N GLU A 36 8.71 2.25 -22.33
CA GLU A 36 7.28 1.88 -22.09
C GLU A 36 7.14 0.39 -22.42
N VAL A 37 6.28 -0.31 -21.67
CA VAL A 37 6.03 -1.77 -21.77
C VAL A 37 4.52 -2.00 -21.72
N ALA A 38 4.08 -3.21 -22.04
CA ALA A 38 2.69 -3.70 -21.84
C ALA A 38 2.70 -4.79 -20.75
N ILE A 39 1.74 -4.75 -19.84
CA ILE A 39 1.67 -5.69 -18.67
C ILE A 39 0.30 -6.35 -18.65
N LYS A 40 0.27 -7.67 -18.76
CA LYS A 40 -0.96 -8.46 -18.62
C LYS A 40 -1.05 -8.93 -17.18
N LEU A 41 -2.15 -8.58 -16.52
CA LEU A 41 -2.48 -9.00 -15.14
C LEU A 41 -3.59 -10.05 -15.21
N GLU A 42 -3.43 -11.12 -14.46
CA GLU A 42 -4.47 -12.15 -14.20
C GLU A 42 -4.54 -12.39 -12.69
N CYS A 43 -5.75 -12.30 -12.10
CA CYS A 43 -6.03 -12.60 -10.68
C CYS A 43 -5.47 -13.99 -10.34
N VAL A 44 -4.67 -14.11 -9.27
CA VAL A 44 -4.08 -15.39 -8.79
C VAL A 44 -5.20 -16.36 -8.42
N LYS A 45 -6.33 -15.84 -7.92
CA LYS A 45 -7.43 -16.63 -7.33
C LYS A 45 -8.50 -16.88 -8.40
N THR A 46 -8.16 -16.69 -9.67
CA THR A 46 -9.05 -16.97 -10.82
C THR A 46 -9.26 -18.48 -10.93
N LYS A 47 -10.45 -18.90 -11.37
CA LYS A 47 -10.85 -20.33 -11.46
C LYS A 47 -10.19 -20.98 -12.66
N HIS A 48 -9.97 -20.21 -13.74
CA HIS A 48 -9.41 -20.70 -15.03
C HIS A 48 -8.05 -20.03 -15.30
N PRO A 49 -6.95 -20.46 -14.62
CA PRO A 49 -5.66 -19.81 -14.77
C PRO A 49 -5.00 -20.19 -16.11
N GLN A 50 -4.40 -19.22 -16.80
CA GLN A 50 -3.94 -19.37 -18.23
C GLN A 50 -2.58 -18.68 -18.43
N LEU A 51 -2.40 -17.48 -17.86
CA LEU A 51 -1.26 -16.58 -18.14
C LEU A 51 0.02 -17.38 -18.16
N HIS A 52 0.23 -18.30 -17.21
CA HIS A 52 1.47 -19.09 -17.08
C HIS A 52 1.56 -20.05 -18.26
N ILE A 53 0.43 -20.62 -18.65
CA ILE A 53 0.31 -21.49 -19.86
C ILE A 53 0.66 -20.64 -21.11
N GLU A 54 0.05 -19.46 -21.25
CA GLU A 54 0.31 -18.51 -22.35
C GLU A 54 1.82 -18.17 -22.37
N SER A 55 2.36 -17.77 -21.22
CA SER A 55 3.78 -17.34 -21.04
C SER A 55 4.71 -18.36 -21.71
N LYS A 56 4.49 -19.65 -21.45
CA LYS A 56 5.36 -20.76 -21.93
C LYS A 56 5.30 -20.84 -23.46
N ILE A 57 4.15 -20.47 -24.05
CA ILE A 57 3.97 -20.42 -25.53
C ILE A 57 4.75 -19.22 -26.09
N TYR A 58 4.63 -18.04 -25.48
CA TYR A 58 5.37 -16.82 -25.88
C TYR A 58 6.88 -17.07 -25.77
N LYS A 59 7.30 -17.88 -24.78
CA LYS A 59 8.73 -18.21 -24.51
C LYS A 59 9.31 -19.07 -25.65
N MET A 60 8.51 -20.01 -26.20
CA MET A 60 8.91 -20.90 -27.32
C MET A 60 9.03 -20.07 -28.62
N MET A 61 8.26 -18.97 -28.75
CA MET A 61 8.17 -18.13 -29.98
C MET A 61 9.28 -17.07 -30.00
N GLN A 62 9.96 -16.85 -28.88
CA GLN A 62 10.97 -15.77 -28.73
C GLN A 62 11.97 -15.85 -29.88
N GLY A 63 12.41 -14.70 -30.39
CA GLY A 63 13.42 -14.59 -31.46
C GLY A 63 12.80 -14.67 -32.84
N GLY A 64 11.54 -15.05 -32.96
CA GLY A 64 10.77 -14.93 -34.21
C GLY A 64 10.58 -13.46 -34.59
N VAL A 65 10.82 -13.12 -35.86
CA VAL A 65 10.29 -11.87 -36.50
C VAL A 65 8.78 -11.76 -36.18
N GLY A 66 8.35 -10.68 -35.55
CA GLY A 66 6.91 -10.34 -35.37
C GLY A 66 6.31 -11.00 -34.15
N ILE A 67 7.15 -11.53 -33.27
CA ILE A 67 6.76 -12.04 -31.93
C ILE A 67 7.24 -11.04 -30.88
N PRO A 68 6.34 -10.48 -30.06
CA PRO A 68 6.75 -9.55 -29.00
C PRO A 68 7.68 -10.24 -28.01
N THR A 69 8.71 -9.53 -27.53
CA THR A 69 9.68 -10.01 -26.51
C THR A 69 9.01 -9.94 -25.13
N ILE A 70 9.05 -11.04 -24.37
CA ILE A 70 8.76 -11.04 -22.91
C ILE A 70 9.91 -10.31 -22.21
N ARG A 71 9.60 -9.34 -21.38
CA ARG A 71 10.58 -8.66 -20.47
C ARG A 71 10.68 -9.44 -19.13
N TRP A 72 9.54 -9.92 -18.62
CA TRP A 72 9.41 -10.44 -17.23
C TRP A 72 8.08 -11.20 -17.06
N CYS A 73 8.09 -12.29 -16.28
CA CYS A 73 6.90 -13.08 -15.85
C CYS A 73 7.02 -13.36 -14.34
N GLY A 74 5.95 -13.16 -13.57
CA GLY A 74 6.00 -13.24 -12.11
C GLY A 74 4.63 -13.37 -11.48
N ALA A 75 4.61 -13.42 -10.15
CA ALA A 75 3.43 -13.16 -9.30
C ALA A 75 3.73 -11.95 -8.40
N GLU A 76 2.77 -11.04 -8.26
CA GLU A 76 2.90 -9.80 -7.44
C GLU A 76 1.54 -9.44 -6.87
N GLY A 77 1.43 -9.44 -5.53
CA GLY A 77 0.15 -9.26 -4.83
C GLY A 77 -0.86 -10.26 -5.30
N ASP A 78 -1.99 -9.79 -5.85
CA ASP A 78 -3.17 -10.62 -6.18
C ASP A 78 -3.09 -11.13 -7.63
N TYR A 79 -1.98 -10.89 -8.34
CA TYR A 79 -1.89 -10.94 -9.82
C TYR A 79 -0.71 -11.80 -10.24
N ASN A 80 -0.94 -12.71 -11.19
CA ASN A 80 0.12 -13.24 -12.10
C ASN A 80 0.39 -12.17 -13.17
N VAL A 81 1.64 -12.03 -13.61
CA VAL A 81 2.11 -10.85 -14.40
C VAL A 81 2.96 -11.33 -15.56
N MET A 82 2.71 -10.79 -16.76
CA MET A 82 3.60 -10.89 -17.94
C MET A 82 3.92 -9.48 -18.42
N VAL A 83 5.19 -9.16 -18.64
CA VAL A 83 5.63 -7.85 -19.18
C VAL A 83 6.25 -8.07 -20.55
N MET A 84 5.69 -7.40 -21.56
CA MET A 84 6.10 -7.44 -22.98
C MET A 84 6.64 -6.08 -23.37
N GLU A 85 7.54 -6.03 -24.36
CA GLU A 85 7.86 -4.78 -25.09
C GLU A 85 6.55 -4.19 -25.62
N LEU A 86 6.41 -2.88 -25.53
CA LEU A 86 5.20 -2.16 -25.97
C LEU A 86 5.06 -2.25 -27.50
N LEU A 87 3.88 -2.58 -27.98
CA LEU A 87 3.56 -2.56 -29.42
C LEU A 87 2.56 -1.44 -29.71
N GLY A 88 2.31 -1.16 -30.97
CA GLY A 88 1.40 -0.09 -31.43
C GLY A 88 -0.05 -0.56 -31.55
N PRO A 89 -0.91 0.23 -32.24
CA PRO A 89 -2.30 -0.15 -32.50
C PRO A 89 -2.46 -1.46 -33.27
N SER A 90 -3.59 -2.11 -33.05
CA SER A 90 -4.05 -3.31 -33.76
C SER A 90 -4.47 -2.91 -35.18
N LEU A 91 -4.62 -3.89 -36.07
CA LEU A 91 -5.09 -3.68 -37.45
C LEU A 91 -6.57 -3.33 -37.43
N GLU A 92 -7.31 -3.74 -36.40
CA GLU A 92 -8.73 -3.37 -36.21
C GLU A 92 -8.78 -1.88 -35.89
N ASP A 93 -7.90 -1.40 -35.02
CA ASP A 93 -7.86 0.03 -34.61
C ASP A 93 -7.41 0.89 -35.80
N LEU A 94 -6.34 0.50 -36.48
CA LEU A 94 -5.83 1.23 -37.67
C LEU A 94 -6.91 1.25 -38.76
N PHE A 95 -7.63 0.13 -38.92
CA PHE A 95 -8.72 -0.02 -39.93
C PHE A 95 -9.89 0.93 -39.57
N ASN A 96 -10.31 0.98 -38.30
CA ASN A 96 -11.34 1.92 -37.81
C ASN A 96 -10.86 3.34 -38.08
N PHE A 97 -9.60 3.60 -37.82
CA PHE A 97 -8.97 4.92 -37.90
C PHE A 97 -8.83 5.33 -39.38
N CYS A 98 -8.90 4.38 -40.30
CA CYS A 98 -8.81 4.62 -41.77
C CYS A 98 -10.21 4.52 -42.38
N SER A 99 -11.24 4.60 -41.56
CA SER A 99 -12.67 4.60 -41.98
C SER A 99 -12.99 3.27 -42.64
N ARG A 100 -12.38 2.19 -42.17
CA ARG A 100 -12.69 0.81 -42.57
C ARG A 100 -12.51 0.71 -44.10
N LYS A 101 -11.43 1.30 -44.59
CA LYS A 101 -11.03 1.27 -46.01
C LYS A 101 -9.50 1.19 -46.07
N PHE A 102 -8.97 0.05 -46.49
CA PHE A 102 -7.55 -0.15 -46.82
C PHE A 102 -7.39 -0.22 -48.35
N SER A 103 -6.41 0.50 -48.88
CA SER A 103 -5.92 0.38 -50.28
C SER A 103 -5.46 -1.07 -50.52
N LEU A 104 -5.52 -1.52 -51.77
CA LEU A 104 -5.02 -2.84 -52.17
C LEU A 104 -3.57 -2.99 -51.68
N LYS A 105 -2.78 -1.91 -51.75
CA LYS A 105 -1.33 -1.93 -51.40
C LYS A 105 -1.15 -2.29 -49.91
N THR A 106 -1.93 -1.69 -49.04
CA THR A 106 -1.87 -1.96 -47.57
C THR A 106 -2.30 -3.41 -47.29
N VAL A 107 -3.34 -3.88 -47.95
CA VAL A 107 -3.87 -5.25 -47.78
C VAL A 107 -2.77 -6.25 -48.17
N LEU A 108 -2.09 -6.01 -49.29
CA LEU A 108 -1.03 -6.88 -49.84
C LEU A 108 0.24 -6.82 -48.95
N LEU A 109 0.60 -5.62 -48.45
CA LEU A 109 1.72 -5.45 -47.49
C LEU A 109 1.46 -6.27 -46.23
N LEU A 110 0.23 -6.17 -45.70
CA LEU A 110 -0.20 -6.85 -44.44
C LEU A 110 -0.23 -8.37 -44.67
N ALA A 111 -0.89 -8.82 -45.74
CA ALA A 111 -1.08 -10.25 -46.09
C ALA A 111 0.28 -10.94 -46.15
N ASP A 112 1.31 -10.28 -46.70
CA ASP A 112 2.65 -10.87 -46.91
C ASP A 112 3.25 -11.24 -45.56
N GLN A 113 3.19 -10.32 -44.61
CA GLN A 113 3.75 -10.48 -43.26
C GLN A 113 2.90 -11.46 -42.44
N MET A 114 1.57 -11.32 -42.49
CA MET A 114 0.60 -12.09 -41.68
C MET A 114 0.70 -13.60 -42.01
N ILE A 115 0.76 -13.97 -43.29
CA ILE A 115 1.04 -15.36 -43.72
C ILE A 115 2.32 -15.82 -43.05
N SER A 116 3.33 -14.97 -43.00
CA SER A 116 4.68 -15.27 -42.46
C SER A 116 4.62 -15.50 -40.94
N ARG A 117 3.83 -14.71 -40.21
CA ARG A 117 3.66 -14.86 -38.74
C ARG A 117 2.98 -16.21 -38.46
N ILE A 118 1.91 -16.49 -39.17
CA ILE A 118 1.12 -17.75 -39.01
C ILE A 118 2.03 -18.93 -39.31
N GLU A 119 2.92 -18.78 -40.29
CA GLU A 119 3.86 -19.85 -40.72
C GLU A 119 4.91 -20.07 -39.61
N TYR A 120 5.37 -19.01 -38.96
CA TYR A 120 6.35 -19.11 -37.86
C TYR A 120 5.71 -19.89 -36.70
N ILE A 121 4.47 -19.55 -36.35
CA ILE A 121 3.70 -20.19 -35.23
C ILE A 121 3.51 -21.68 -35.52
N HIS A 122 3.15 -22.02 -36.77
CA HIS A 122 2.98 -23.42 -37.22
C HIS A 122 4.31 -24.16 -37.09
N SER A 123 5.43 -23.47 -37.35
CA SER A 123 6.80 -24.04 -37.28
C SER A 123 7.16 -24.38 -35.82
N LYS A 124 6.48 -23.78 -34.85
CA LYS A 124 6.71 -24.05 -33.41
C LYS A 124 5.61 -24.98 -32.87
N ASN A 125 4.86 -25.66 -33.74
CA ASN A 125 3.97 -26.79 -33.40
C ASN A 125 2.65 -26.31 -32.82
N PHE A 126 2.31 -25.04 -33.00
CA PHE A 126 1.07 -24.45 -32.45
C PHE A 126 0.20 -23.96 -33.61
N ILE A 127 -1.11 -24.02 -33.42
CA ILE A 127 -2.09 -23.24 -34.21
C ILE A 127 -2.66 -22.16 -33.30
N HIS A 128 -3.00 -21.02 -33.87
CA HIS A 128 -3.46 -19.81 -33.16
C HIS A 128 -4.95 -19.96 -32.80
N ARG A 129 -5.83 -20.06 -33.82
CA ARG A 129 -7.27 -20.47 -33.73
C ARG A 129 -8.16 -19.25 -33.40
N ASP A 130 -7.57 -18.06 -33.48
CA ASP A 130 -8.24 -16.75 -33.25
C ASP A 130 -7.53 -15.70 -34.09
N VAL A 131 -7.23 -16.05 -35.33
CA VAL A 131 -6.72 -15.11 -36.37
C VAL A 131 -7.83 -14.08 -36.65
N LYS A 132 -7.55 -12.83 -36.31
CA LYS A 132 -8.49 -11.71 -36.43
C LYS A 132 -7.71 -10.42 -36.31
N PRO A 133 -8.20 -9.30 -36.86
CA PRO A 133 -7.44 -8.05 -36.91
C PRO A 133 -6.89 -7.59 -35.54
N ASP A 134 -7.53 -8.00 -34.44
CA ASP A 134 -7.23 -7.49 -33.09
C ASP A 134 -5.96 -8.11 -32.56
N ASN A 135 -5.55 -9.24 -33.13
CA ASN A 135 -4.44 -10.08 -32.62
C ASN A 135 -3.21 -9.86 -33.52
N PHE A 136 -3.25 -8.85 -34.39
CA PHE A 136 -2.08 -8.31 -35.13
C PHE A 136 -1.88 -6.86 -34.77
N LEU A 137 -0.75 -6.55 -34.16
CA LEU A 137 -0.38 -5.18 -33.75
C LEU A 137 0.78 -4.73 -34.61
N MET A 138 0.82 -3.46 -35.01
CA MET A 138 2.04 -2.86 -35.60
C MET A 138 3.00 -2.50 -34.45
N GLY A 139 4.30 -2.61 -34.69
CA GLY A 139 5.33 -2.07 -33.81
C GLY A 139 5.27 -0.57 -33.75
N LEU A 140 6.02 0.01 -32.82
CA LEU A 140 6.25 1.48 -32.74
C LEU A 140 7.65 1.75 -33.27
N GLY A 141 7.96 3.00 -33.61
CA GLY A 141 9.33 3.47 -33.88
C GLY A 141 9.90 2.80 -35.11
N LYS A 142 11.08 2.21 -34.99
CA LYS A 142 11.81 1.55 -36.12
C LYS A 142 11.09 0.24 -36.49
N LYS A 143 10.23 -0.27 -35.60
CA LYS A 143 9.46 -1.52 -35.81
C LYS A 143 8.03 -1.20 -36.32
N GLY A 144 7.81 0.03 -36.79
CA GLY A 144 6.49 0.52 -37.23
C GLY A 144 6.07 -0.10 -38.55
N ASN A 145 7.00 -0.80 -39.22
CA ASN A 145 6.74 -1.49 -40.52
C ASN A 145 6.51 -2.99 -40.30
N LEU A 146 6.65 -3.47 -39.06
CA LEU A 146 6.44 -4.89 -38.69
C LEU A 146 5.02 -5.07 -38.17
N VAL A 147 4.31 -6.04 -38.77
CA VAL A 147 3.10 -6.68 -38.19
C VAL A 147 3.57 -7.73 -37.16
N TYR A 148 3.12 -7.58 -35.91
CA TYR A 148 3.30 -8.57 -34.81
C TYR A 148 1.99 -9.33 -34.63
N ILE A 149 2.09 -10.59 -34.28
CA ILE A 149 0.92 -11.43 -33.85
C ILE A 149 1.02 -11.62 -32.34
N ILE A 150 -0.11 -11.63 -31.66
CA ILE A 150 -0.18 -11.75 -30.18
C ILE A 150 -1.30 -12.70 -29.81
N ASP A 151 -1.40 -12.99 -28.53
CA ASP A 151 -2.56 -13.64 -27.87
C ASP A 151 -2.58 -15.12 -28.23
N PHE A 152 -2.04 -15.94 -27.34
CA PHE A 152 -1.94 -17.40 -27.49
C PHE A 152 -2.86 -18.05 -26.46
N GLY A 153 -3.87 -17.33 -26.02
CA GLY A 153 -4.86 -17.80 -25.05
C GLY A 153 -5.70 -18.96 -25.59
N LEU A 154 -5.98 -18.98 -26.91
CA LEU A 154 -6.86 -20.00 -27.56
C LEU A 154 -6.02 -20.98 -28.36
N ALA A 155 -4.68 -20.83 -28.34
CA ALA A 155 -3.72 -21.57 -29.18
C ALA A 155 -3.60 -22.98 -28.66
N LYS A 156 -2.96 -23.87 -29.41
CA LYS A 156 -2.92 -25.32 -29.08
C LYS A 156 -1.88 -26.01 -29.94
N LYS A 157 -1.17 -27.03 -29.41
CA LYS A 157 -0.29 -27.92 -30.21
C LYS A 157 -1.15 -28.70 -31.22
N TYR A 158 -0.69 -28.78 -32.46
CA TYR A 158 -1.30 -29.62 -33.51
C TYR A 158 -0.39 -30.81 -33.78
N ARG A 159 0.92 -30.67 -33.56
CA ARG A 159 1.87 -31.81 -33.65
C ARG A 159 2.73 -31.88 -32.37
N ASP A 160 3.10 -33.10 -32.00
CA ASP A 160 4.17 -33.39 -31.01
C ASP A 160 5.49 -32.80 -31.51
N ALA A 161 6.18 -32.03 -30.66
CA ALA A 161 7.45 -31.33 -31.01
C ALA A 161 8.42 -32.33 -31.64
N ARG A 162 8.62 -33.47 -30.96
CA ARG A 162 9.62 -34.51 -31.32
C ARG A 162 9.12 -35.28 -32.54
N THR A 163 7.99 -36.00 -32.41
CA THR A 163 7.53 -37.03 -33.38
C THR A 163 6.82 -36.37 -34.58
N HIS A 164 6.48 -35.08 -34.49
CA HIS A 164 5.68 -34.31 -35.51
C HIS A 164 4.37 -35.05 -35.80
N GLN A 165 3.92 -35.94 -34.89
CA GLN A 165 2.59 -36.56 -34.94
C GLN A 165 1.53 -35.46 -34.88
N HIS A 166 0.80 -35.27 -36.00
CA HIS A 166 -0.41 -34.41 -36.10
C HIS A 166 -1.42 -34.91 -35.06
N ILE A 167 -2.19 -34.01 -34.45
CA ILE A 167 -3.33 -34.37 -33.55
C ILE A 167 -4.32 -35.16 -34.38
N PRO A 168 -5.19 -36.00 -33.76
CA PRO A 168 -6.20 -36.74 -34.51
C PRO A 168 -7.36 -35.83 -34.97
N TYR A 169 -7.95 -36.16 -36.12
CA TYR A 169 -9.26 -35.66 -36.61
C TYR A 169 -10.30 -35.89 -35.52
N ARG A 170 -10.91 -34.83 -35.01
CA ARG A 170 -12.08 -34.88 -34.09
C ARG A 170 -13.19 -34.00 -34.65
N GLU A 171 -14.43 -34.34 -34.32
CA GLU A 171 -15.66 -33.58 -34.65
C GLU A 171 -16.30 -33.07 -33.34
N ASN A 172 -17.51 -32.48 -33.44
CA ASN A 172 -18.38 -32.06 -32.31
C ASN A 172 -17.58 -31.16 -31.34
N LYS A 173 -17.06 -30.04 -31.83
CA LYS A 173 -16.15 -29.13 -31.09
C LYS A 173 -16.68 -27.70 -31.13
N ASN A 174 -16.92 -27.12 -29.95
CA ASN A 174 -17.29 -25.70 -29.73
C ASN A 174 -16.47 -24.77 -30.63
N LEU A 175 -17.15 -23.88 -31.36
CA LEU A 175 -16.50 -22.70 -31.97
C LEU A 175 -15.91 -21.85 -30.85
N THR A 176 -14.59 -21.84 -30.73
CA THR A 176 -13.85 -21.31 -29.56
C THR A 176 -13.41 -19.87 -29.86
N GLY A 177 -12.99 -19.59 -31.12
CA GLY A 177 -12.47 -18.29 -31.58
C GLY A 177 -13.57 -17.28 -31.86
N THR A 178 -13.38 -16.46 -32.90
CA THR A 178 -14.31 -15.38 -33.33
C THR A 178 -15.08 -15.83 -34.58
N ALA A 179 -16.42 -15.88 -34.48
CA ALA A 179 -17.31 -16.52 -35.46
C ALA A 179 -17.09 -15.93 -36.82
N ARG A 180 -16.86 -14.62 -36.87
CA ARG A 180 -16.80 -13.85 -38.12
C ARG A 180 -15.70 -14.43 -39.05
N TYR A 181 -14.57 -14.83 -38.49
CA TYR A 181 -13.36 -15.18 -39.28
C TYR A 181 -13.15 -16.70 -39.27
N ALA A 182 -14.03 -17.45 -38.61
CA ALA A 182 -13.93 -18.92 -38.46
C ALA A 182 -14.00 -19.58 -39.84
N SER A 183 -13.22 -20.66 -40.03
CA SER A 183 -13.24 -21.53 -41.23
C SER A 183 -14.58 -22.26 -41.33
N ILE A 184 -14.96 -22.64 -42.55
CA ILE A 184 -16.17 -23.47 -42.79
C ILE A 184 -16.07 -24.76 -41.97
N ASN A 185 -14.93 -25.45 -41.99
CA ASN A 185 -14.73 -26.69 -41.17
C ASN A 185 -15.02 -26.37 -39.68
N THR A 186 -14.54 -25.25 -39.17
CA THR A 186 -14.67 -24.91 -37.73
C THR A 186 -16.15 -24.89 -37.39
N HIS A 187 -16.98 -24.30 -38.26
CA HIS A 187 -18.45 -24.22 -38.11
C HIS A 187 -19.06 -25.61 -38.12
N LEU A 188 -18.50 -26.54 -38.89
CA LEU A 188 -18.98 -27.94 -38.98
C LEU A 188 -18.56 -28.70 -37.73
N GLY A 189 -17.74 -28.07 -36.88
CA GLY A 189 -17.36 -28.61 -35.55
C GLY A 189 -16.08 -29.44 -35.61
N ILE A 190 -15.36 -29.40 -36.73
CA ILE A 190 -14.10 -30.16 -36.93
C ILE A 190 -12.95 -29.45 -36.19
N GLU A 191 -12.08 -30.24 -35.58
CA GLU A 191 -10.80 -29.80 -34.93
C GLU A 191 -10.07 -28.84 -35.87
N GLN A 192 -9.73 -27.65 -35.38
CA GLN A 192 -8.90 -26.64 -36.11
C GLN A 192 -7.50 -27.22 -36.33
N SER A 193 -6.91 -26.93 -37.48
CA SER A 193 -5.49 -27.21 -37.81
C SER A 193 -4.95 -26.05 -38.64
N ARG A 194 -3.76 -26.22 -39.21
CA ARG A 194 -3.03 -25.14 -39.93
C ARG A 194 -3.94 -24.50 -40.96
N ARG A 195 -4.65 -25.29 -41.76
CA ARG A 195 -5.46 -24.78 -42.92
C ARG A 195 -6.47 -23.73 -42.41
N ASP A 196 -6.88 -23.85 -41.15
CA ASP A 196 -7.97 -23.03 -40.55
C ASP A 196 -7.42 -21.65 -40.18
N ASP A 197 -6.25 -21.57 -39.57
CA ASP A 197 -5.54 -20.29 -39.34
C ASP A 197 -5.49 -19.53 -40.68
N LEU A 198 -5.13 -20.20 -41.77
CA LEU A 198 -4.94 -19.59 -43.10
C LEU A 198 -6.30 -19.20 -43.72
N GLU A 199 -7.34 -19.99 -43.54
CA GLU A 199 -8.69 -19.65 -44.10
C GLU A 199 -9.15 -18.35 -43.46
N SER A 200 -9.00 -18.28 -42.13
CA SER A 200 -9.36 -17.12 -41.30
C SER A 200 -8.64 -15.88 -41.82
N LEU A 201 -7.30 -15.96 -41.98
CA LEU A 201 -6.51 -14.85 -42.56
C LEU A 201 -7.18 -14.40 -43.84
N GLY A 202 -7.66 -15.36 -44.64
CA GLY A 202 -8.33 -15.13 -45.93
C GLY A 202 -9.58 -14.27 -45.78
N TYR A 203 -10.42 -14.57 -44.77
CA TYR A 203 -11.66 -13.80 -44.46
C TYR A 203 -11.26 -12.43 -43.88
N VAL A 204 -10.12 -12.37 -43.16
CA VAL A 204 -9.61 -11.11 -42.59
C VAL A 204 -9.20 -10.17 -43.76
N LEU A 205 -8.56 -10.71 -44.78
CA LEU A 205 -8.07 -9.89 -45.91
C LEU A 205 -9.27 -9.36 -46.71
N MET A 206 -10.32 -10.17 -46.89
CA MET A 206 -11.51 -9.77 -47.67
C MET A 206 -12.33 -8.74 -46.88
N TYR A 207 -12.35 -8.87 -45.56
CA TYR A 207 -12.88 -7.85 -44.59
C TYR A 207 -12.17 -6.51 -44.81
N PHE A 208 -10.83 -6.53 -44.89
CA PHE A 208 -10.01 -5.33 -45.16
C PHE A 208 -10.41 -4.74 -46.51
N ASN A 209 -10.67 -5.58 -47.49
CA ASN A 209 -11.03 -5.16 -48.88
C ASN A 209 -12.43 -4.55 -48.92
N LEU A 210 -13.41 -5.13 -48.20
CA LEU A 210 -14.88 -4.87 -48.38
C LEU A 210 -15.35 -3.77 -47.39
N GLY A 211 -14.66 -3.60 -46.27
CA GLY A 211 -15.10 -2.77 -45.13
C GLY A 211 -15.93 -3.58 -44.13
N SER A 212 -16.44 -4.72 -44.56
CA SER A 212 -17.18 -5.70 -43.72
C SER A 212 -17.29 -7.02 -44.47
N LEU A 213 -17.88 -8.04 -43.84
CA LEU A 213 -18.15 -9.35 -44.51
C LEU A 213 -19.65 -9.56 -44.61
N PRO A 214 -20.14 -10.31 -45.63
CA PRO A 214 -21.57 -10.48 -45.86
C PRO A 214 -22.30 -11.13 -44.67
N TRP A 215 -21.59 -11.84 -43.80
CA TRP A 215 -22.17 -12.62 -42.66
C TRP A 215 -22.03 -11.81 -41.37
N GLN A 216 -21.66 -10.54 -41.52
CA GLN A 216 -21.44 -9.58 -40.41
C GLN A 216 -22.75 -8.93 -40.03
N GLY A 217 -23.05 -8.85 -38.74
CA GLY A 217 -24.20 -8.11 -38.18
C GLY A 217 -25.51 -8.86 -38.39
N LEU A 218 -25.48 -10.19 -38.24
CA LEU A 218 -26.68 -11.06 -38.33
C LEU A 218 -27.40 -11.10 -36.98
N LYS A 219 -28.69 -10.80 -36.98
CA LYS A 219 -29.58 -10.82 -35.79
C LYS A 219 -30.01 -12.27 -35.51
N ALA A 220 -30.15 -12.63 -34.23
CA ALA A 220 -30.73 -13.90 -33.75
C ALA A 220 -30.93 -13.85 -32.23
N ALA A 221 -31.63 -14.84 -31.67
CA ALA A 221 -32.03 -14.94 -30.24
C ALA A 221 -30.77 -15.05 -29.36
N THR A 222 -29.95 -16.08 -29.59
CA THR A 222 -28.77 -16.48 -28.77
C THR A 222 -27.49 -16.28 -29.57
N LYS A 223 -26.33 -16.39 -28.90
CA LYS A 223 -24.99 -16.50 -29.56
C LYS A 223 -24.97 -17.77 -30.41
N ARG A 224 -25.47 -18.89 -29.87
CA ARG A 224 -25.50 -20.21 -30.54
C ARG A 224 -26.22 -20.08 -31.89
N GLN A 225 -27.37 -19.42 -31.92
CA GLN A 225 -28.21 -19.27 -33.13
C GLN A 225 -27.44 -18.41 -34.14
N LYS A 226 -26.80 -17.32 -33.69
CA LYS A 226 -26.06 -16.36 -34.54
C LYS A 226 -24.93 -17.09 -35.29
N TYR A 227 -24.21 -17.97 -34.59
CA TYR A 227 -23.11 -18.79 -35.15
C TYR A 227 -23.65 -19.66 -36.29
N GLU A 228 -24.77 -20.31 -36.07
CA GLU A 228 -25.46 -21.17 -37.10
C GLU A 228 -25.82 -20.32 -38.32
N ARG A 229 -26.33 -19.11 -38.09
CA ARG A 229 -26.74 -18.18 -39.15
C ARG A 229 -25.51 -17.70 -39.92
N ILE A 230 -24.35 -17.58 -39.26
CA ILE A 230 -23.07 -17.15 -39.88
C ILE A 230 -22.56 -18.30 -40.75
N SER A 231 -22.55 -19.51 -40.19
CA SER A 231 -22.20 -20.76 -40.89
C SER A 231 -23.01 -20.89 -42.17
N GLU A 232 -24.32 -20.69 -42.07
CA GLU A 232 -25.29 -20.88 -43.17
C GLU A 232 -25.00 -19.87 -44.29
N LYS A 233 -24.70 -18.62 -43.92
CA LYS A 233 -24.34 -17.53 -44.85
C LYS A 233 -22.97 -17.82 -45.50
N LYS A 234 -21.99 -18.30 -44.73
CA LYS A 234 -20.63 -18.56 -45.23
C LYS A 234 -20.71 -19.64 -46.28
N MET A 235 -21.51 -20.67 -46.03
CA MET A 235 -21.52 -21.90 -46.84
C MET A 235 -22.35 -21.68 -48.10
N SER A 236 -23.23 -20.66 -48.09
CA SER A 236 -24.14 -20.34 -49.21
C SER A 236 -23.65 -19.08 -49.95
N THR A 237 -22.49 -18.55 -49.59
CA THR A 237 -21.77 -17.48 -50.34
C THR A 237 -20.58 -18.10 -51.05
N PRO A 238 -20.67 -18.36 -52.36
CA PRO A 238 -19.52 -18.84 -53.12
C PRO A 238 -18.34 -17.88 -52.96
N ILE A 239 -17.14 -18.40 -53.03
CA ILE A 239 -15.87 -17.63 -52.90
C ILE A 239 -15.80 -16.59 -54.04
N GLU A 240 -16.32 -16.87 -55.22
CA GLU A 240 -16.23 -15.93 -56.38
C GLU A 240 -17.24 -14.78 -56.22
N VAL A 241 -18.23 -14.94 -55.32
CA VAL A 241 -19.25 -13.91 -55.02
C VAL A 241 -18.67 -13.01 -53.92
N LEU A 242 -18.09 -13.60 -52.88
CA LEU A 242 -17.44 -12.88 -51.77
C LEU A 242 -16.44 -11.91 -52.36
N CYS A 243 -15.63 -12.39 -53.31
CA CYS A 243 -14.40 -11.69 -53.81
C CYS A 243 -14.69 -10.96 -55.12
N LYS A 244 -15.95 -10.91 -55.59
CA LYS A 244 -16.31 -10.16 -56.82
C LYS A 244 -15.78 -8.73 -56.70
N GLY A 245 -15.10 -8.25 -57.74
CA GLY A 245 -14.64 -6.85 -57.85
C GLY A 245 -13.29 -6.62 -57.21
N TYR A 246 -12.69 -7.69 -56.68
CA TYR A 246 -11.33 -7.68 -56.10
C TYR A 246 -10.46 -8.62 -56.93
N PRO A 247 -9.13 -8.45 -56.91
CA PRO A 247 -8.25 -9.32 -57.68
C PRO A 247 -8.49 -10.81 -57.40
N SER A 248 -8.37 -11.64 -58.43
CA SER A 248 -8.63 -13.10 -58.40
C SER A 248 -7.81 -13.75 -57.27
N GLU A 249 -6.67 -13.15 -56.90
CA GLU A 249 -5.71 -13.73 -55.93
C GLU A 249 -6.41 -14.07 -54.61
N PHE A 250 -7.37 -13.25 -54.17
CA PHE A 250 -8.08 -13.39 -52.87
C PHE A 250 -8.92 -14.67 -52.89
N ALA A 251 -9.59 -14.89 -54.03
CA ALA A 251 -10.43 -16.07 -54.33
C ALA A 251 -9.54 -17.30 -54.43
N THR A 252 -8.41 -17.18 -55.14
CA THR A 252 -7.48 -18.30 -55.41
C THR A 252 -6.97 -18.81 -54.06
N TYR A 253 -6.63 -17.86 -53.15
CA TYR A 253 -6.10 -18.10 -51.78
C TYR A 253 -7.13 -18.92 -50.96
N LEU A 254 -8.37 -18.43 -50.88
CA LEU A 254 -9.48 -19.05 -50.10
C LEU A 254 -9.79 -20.44 -50.67
N ASN A 255 -9.77 -20.58 -51.98
CA ASN A 255 -10.02 -21.89 -52.65
C ASN A 255 -8.92 -22.88 -52.22
N PHE A 256 -7.67 -22.43 -52.18
CA PHE A 256 -6.50 -23.25 -51.86
C PHE A 256 -6.59 -23.72 -50.41
N CYS A 257 -7.04 -22.83 -49.52
CA CYS A 257 -7.23 -23.12 -48.07
C CYS A 257 -8.35 -24.13 -47.86
N ARG A 258 -9.47 -23.97 -48.57
CA ARG A 258 -10.68 -24.84 -48.48
C ARG A 258 -10.36 -26.24 -49.06
N SER A 259 -9.27 -26.34 -49.84
CA SER A 259 -8.82 -27.59 -50.50
C SER A 259 -7.88 -28.39 -49.61
N LEU A 260 -7.26 -27.73 -48.62
CA LEU A 260 -6.20 -28.33 -47.78
C LEU A 260 -6.81 -29.44 -46.93
N ARG A 261 -6.15 -30.59 -46.88
CA ARG A 261 -6.48 -31.71 -45.99
C ARG A 261 -6.19 -31.30 -44.55
N PHE A 262 -6.87 -31.92 -43.58
CA PHE A 262 -6.79 -31.65 -42.13
C PHE A 262 -5.32 -31.57 -41.70
N ASP A 263 -4.47 -32.50 -42.18
CA ASP A 263 -3.08 -32.62 -41.68
C ASP A 263 -2.07 -32.15 -42.73
N ASP A 264 -2.53 -31.47 -43.77
CA ASP A 264 -1.64 -30.90 -44.80
C ASP A 264 -0.77 -29.80 -44.18
N LYS A 265 0.52 -29.82 -44.49
CA LYS A 265 1.41 -28.64 -44.41
C LYS A 265 1.11 -27.72 -45.59
N PRO A 266 0.56 -26.51 -45.35
CA PRO A 266 0.29 -25.56 -46.42
C PRO A 266 1.55 -25.08 -47.12
N ASP A 267 1.42 -24.69 -48.38
CA ASP A 267 2.48 -24.05 -49.19
C ASP A 267 2.45 -22.54 -48.90
N TYR A 268 2.93 -22.12 -47.72
CA TYR A 268 2.98 -20.70 -47.32
C TYR A 268 3.68 -19.90 -48.43
N SER A 269 4.74 -20.47 -48.96
CA SER A 269 5.54 -19.84 -50.05
C SER A 269 4.63 -19.49 -51.24
N TYR A 270 3.87 -20.47 -51.73
CA TYR A 270 2.96 -20.30 -52.88
C TYR A 270 2.02 -19.10 -52.61
N LEU A 271 1.47 -19.04 -51.39
CA LEU A 271 0.39 -18.08 -51.03
C LEU A 271 0.99 -16.68 -50.94
N ARG A 272 2.17 -16.56 -50.37
CA ARG A 272 2.94 -15.29 -50.36
C ARG A 272 3.20 -14.86 -51.82
N GLN A 273 3.61 -15.80 -52.66
CA GLN A 273 4.04 -15.53 -54.07
C GLN A 273 2.81 -15.14 -54.88
N LEU A 274 1.64 -15.59 -54.45
CA LEU A 274 0.34 -15.26 -55.03
C LEU A 274 0.18 -13.73 -55.00
N PHE A 275 0.32 -13.15 -53.81
CA PHE A 275 0.07 -11.73 -53.54
C PHE A 275 1.26 -10.90 -53.97
N ARG A 276 2.46 -11.47 -53.92
CA ARG A 276 3.71 -10.82 -54.37
C ARG A 276 3.60 -10.55 -55.88
N ASN A 277 3.20 -11.54 -56.66
CA ASN A 277 3.07 -11.41 -58.13
C ASN A 277 2.07 -10.29 -58.44
N LEU A 278 0.93 -10.24 -57.72
CA LEU A 278 -0.12 -9.19 -57.89
C LEU A 278 0.44 -7.83 -57.49
N PHE A 279 1.12 -7.77 -56.36
CA PHE A 279 1.86 -6.58 -55.90
C PHE A 279 2.70 -6.02 -57.05
N HIS A 280 3.40 -6.89 -57.77
CA HIS A 280 4.38 -6.48 -58.83
C HIS A 280 3.61 -6.02 -60.08
N ARG A 281 2.54 -6.72 -60.47
CA ARG A 281 1.64 -6.29 -61.58
C ARG A 281 1.09 -4.89 -61.29
N GLN A 282 0.74 -4.61 -60.05
CA GLN A 282 0.08 -3.34 -59.65
C GLN A 282 1.12 -2.21 -59.60
N GLY A 283 2.39 -2.55 -59.71
CA GLY A 283 3.50 -1.60 -59.78
C GLY A 283 3.83 -0.99 -58.42
N PHE A 284 3.37 -1.59 -57.33
CA PHE A 284 3.64 -1.14 -55.94
C PHE A 284 5.08 -1.50 -55.60
N SER A 285 5.72 -0.69 -54.74
CA SER A 285 7.04 -0.98 -54.13
C SER A 285 6.84 -1.35 -52.64
N TYR A 286 7.60 -2.34 -52.16
CA TYR A 286 7.66 -2.79 -50.74
C TYR A 286 8.45 -1.73 -49.93
N ASP A 287 7.82 -0.59 -49.61
CA ASP A 287 8.43 0.56 -48.89
C ASP A 287 7.71 0.78 -47.55
N TYR A 288 6.73 -0.07 -47.23
CA TYR A 288 6.07 -0.14 -45.90
C TYR A 288 5.40 1.19 -45.58
N VAL A 289 4.93 1.88 -46.61
CA VAL A 289 4.05 3.07 -46.45
C VAL A 289 2.61 2.57 -46.52
N PHE A 290 2.03 2.28 -45.36
CA PHE A 290 0.61 1.90 -45.17
C PHE A 290 -0.25 3.16 -45.20
N ASP A 291 -1.55 3.00 -45.34
CA ASP A 291 -2.51 4.12 -45.51
C ASP A 291 -2.46 5.04 -44.30
N TRP A 292 -2.38 4.48 -43.10
CA TRP A 292 -2.35 5.25 -41.84
C TRP A 292 -1.08 6.11 -41.77
N ASN A 293 0.02 5.69 -42.43
CA ASN A 293 1.29 6.45 -42.54
C ASN A 293 1.08 7.77 -43.32
N MET A 294 0.02 7.88 -44.10
CA MET A 294 -0.18 8.99 -45.06
C MET A 294 -1.11 10.03 -44.44
N LEU A 295 -1.80 9.67 -43.35
CA LEU A 295 -2.63 10.61 -42.53
C LEU A 295 -1.75 11.77 -42.06
N LYS A 296 -2.33 12.97 -41.91
CA LYS A 296 -1.60 14.23 -41.53
C LYS A 296 -2.59 15.16 -40.81
N LEU B 5 -10.94 8.20 -29.20
CA LEU B 5 -11.35 9.41 -30.01
C LEU B 5 -10.20 9.81 -30.94
N ARG B 6 -10.49 10.06 -32.22
CA ARG B 6 -9.58 10.72 -33.20
C ARG B 6 -9.27 12.14 -32.69
N VAL B 7 -8.10 12.67 -33.04
CA VAL B 7 -7.60 14.01 -32.63
C VAL B 7 -6.56 14.47 -33.68
N GLY B 8 -6.79 15.62 -34.31
CA GLY B 8 -5.92 16.21 -35.35
C GLY B 8 -5.67 15.25 -36.51
N ASN B 9 -6.59 14.30 -36.72
CA ASN B 9 -6.67 13.42 -37.93
C ASN B 9 -5.66 12.26 -37.84
N ARG B 10 -4.65 12.34 -36.96
CA ARG B 10 -3.51 11.39 -36.94
C ARG B 10 -3.13 10.96 -35.52
N TYR B 11 -3.85 11.44 -34.51
CA TYR B 11 -3.61 11.13 -33.08
C TYR B 11 -4.84 10.42 -32.52
N ARG B 12 -4.60 9.30 -31.84
CA ARG B 12 -5.61 8.52 -31.08
C ARG B 12 -5.36 8.77 -29.61
N LEU B 13 -6.39 9.19 -28.89
CA LEU B 13 -6.27 9.65 -27.48
C LEU B 13 -6.42 8.45 -26.54
N GLY B 14 -5.41 8.17 -25.70
CA GLY B 14 -5.43 7.04 -24.78
C GLY B 14 -6.10 7.40 -23.47
N ARG B 15 -5.59 6.88 -22.37
CA ARG B 15 -6.20 6.99 -21.02
C ARG B 15 -5.53 8.14 -20.26
N LYS B 16 -6.29 8.78 -19.36
CA LYS B 16 -5.80 9.86 -18.46
C LYS B 16 -4.72 9.29 -17.53
N ILE B 17 -3.49 9.79 -17.63
CA ILE B 17 -2.31 9.31 -16.83
C ILE B 17 -2.03 10.33 -15.74
N GLY B 18 -2.62 11.51 -15.80
CA GLY B 18 -2.49 12.48 -14.71
C GLY B 18 -2.97 13.86 -15.11
N SER B 19 -2.43 14.89 -14.45
CA SER B 19 -3.05 16.23 -14.37
C SER B 19 -1.95 17.31 -14.35
N GLY B 20 -2.17 18.37 -15.12
CA GLY B 20 -1.22 19.48 -15.30
C GLY B 20 -1.61 20.66 -14.44
N SER B 21 -1.04 21.83 -14.74
CA SER B 21 -1.33 23.11 -14.02
C SER B 21 -2.76 23.57 -14.33
N PHE B 22 -3.28 23.27 -15.55
CA PHE B 22 -4.50 23.92 -16.12
C PHE B 22 -5.38 22.94 -16.95
N GLY B 23 -4.90 21.72 -17.22
CA GLY B 23 -5.65 20.69 -17.96
C GLY B 23 -5.34 19.28 -17.47
N ASP B 24 -5.86 18.26 -18.15
CA ASP B 24 -5.58 16.83 -17.84
C ASP B 24 -4.68 16.23 -18.93
N ILE B 25 -3.87 15.23 -18.57
CA ILE B 25 -2.84 14.63 -19.48
C ILE B 25 -3.26 13.21 -19.85
N TYR B 26 -3.23 12.92 -21.15
CA TYR B 26 -3.60 11.62 -21.74
C TYR B 26 -2.40 11.07 -22.50
N LEU B 27 -2.36 9.75 -22.62
CA LEU B 27 -1.28 9.01 -23.29
C LEU B 27 -1.83 8.47 -24.60
N GLY B 28 -1.53 9.14 -25.70
CA GLY B 28 -2.14 8.86 -27.01
C GLY B 28 -1.16 8.21 -27.94
N THR B 29 -1.49 8.12 -29.22
CA THR B 29 -0.66 7.48 -30.27
C THR B 29 -0.68 8.35 -31.52
N ASP B 30 0.49 8.65 -32.06
CA ASP B 30 0.65 9.19 -33.42
C ASP B 30 0.52 8.01 -34.39
N ILE B 31 -0.70 7.75 -34.83
CA ILE B 31 -1.06 6.58 -35.70
C ILE B 31 -0.12 6.56 -36.90
N ALA B 32 0.16 7.74 -37.47
CA ALA B 32 0.84 7.93 -38.77
C ALA B 32 2.32 7.58 -38.66
N ALA B 33 2.96 7.93 -37.54
CA ALA B 33 4.43 7.82 -37.35
C ALA B 33 4.76 6.63 -36.44
N GLY B 34 3.73 5.96 -35.91
CA GLY B 34 3.83 4.87 -34.91
C GLY B 34 4.67 5.27 -33.69
N GLU B 35 4.36 6.41 -33.05
CA GLU B 35 5.00 6.86 -31.77
C GLU B 35 3.89 7.10 -30.75
N GLU B 36 4.11 6.73 -29.48
CA GLU B 36 3.26 7.18 -28.35
C GLU B 36 3.56 8.66 -28.11
N VAL B 37 2.53 9.42 -27.71
CA VAL B 37 2.58 10.90 -27.48
C VAL B 37 1.87 11.21 -26.17
N ALA B 38 2.00 12.43 -25.67
CA ALA B 38 1.25 12.97 -24.52
C ALA B 38 0.33 14.08 -25.02
N ILE B 39 -0.92 14.10 -24.56
CA ILE B 39 -1.98 15.04 -25.05
C ILE B 39 -2.58 15.78 -23.84
N LYS B 40 -2.49 17.10 -23.85
CA LYS B 40 -3.18 17.94 -22.87
C LYS B 40 -4.49 18.38 -23.46
N LEU B 41 -5.60 18.08 -22.78
CA LEU B 41 -6.94 18.61 -23.09
C LEU B 41 -7.29 19.76 -22.14
N GLU B 42 -7.86 20.84 -22.69
CA GLU B 42 -8.50 21.94 -21.94
C GLU B 42 -9.85 22.25 -22.58
N CYS B 43 -10.92 22.31 -21.77
CA CYS B 43 -12.31 22.63 -22.21
C CYS B 43 -12.30 23.98 -22.95
N VAL B 44 -12.86 24.03 -24.17
CA VAL B 44 -12.88 25.25 -25.04
C VAL B 44 -13.63 26.37 -24.32
N LYS B 45 -14.68 26.03 -23.57
CA LYS B 45 -15.66 27.00 -23.03
C LYS B 45 -15.24 27.42 -21.61
N THR B 46 -14.02 27.05 -21.21
CA THR B 46 -13.41 27.39 -19.90
C THR B 46 -13.22 28.90 -19.81
N LYS B 47 -13.36 29.48 -18.60
CA LYS B 47 -13.45 30.95 -18.36
C LYS B 47 -12.06 31.58 -18.51
N HIS B 48 -11.03 30.86 -18.09
CA HIS B 48 -9.61 31.24 -18.16
C HIS B 48 -8.87 30.30 -19.12
N PRO B 49 -8.96 30.53 -20.45
CA PRO B 49 -8.25 29.70 -21.43
C PRO B 49 -6.74 30.03 -21.46
N GLN B 50 -5.89 29.00 -21.52
CA GLN B 50 -4.41 29.12 -21.32
C GLN B 50 -3.63 28.24 -22.31
N LEU B 51 -4.11 27.03 -22.61
CA LEU B 51 -3.34 26.00 -23.38
C LEU B 51 -2.64 26.65 -24.58
N HIS B 52 -3.33 27.52 -25.30
CA HIS B 52 -2.79 28.16 -26.51
C HIS B 52 -1.73 29.18 -26.10
N ILE B 53 -1.93 29.85 -24.97
CA ILE B 53 -0.90 30.73 -24.32
C ILE B 53 0.32 29.89 -23.95
N GLU B 54 0.12 28.76 -23.27
CA GLU B 54 1.21 27.82 -22.90
C GLU B 54 1.95 27.41 -24.19
N SER B 55 1.20 26.93 -25.20
CA SER B 55 1.74 26.42 -26.49
C SER B 55 2.78 27.41 -27.04
N LYS B 56 2.45 28.70 -27.05
CA LYS B 56 3.30 29.79 -27.62
C LYS B 56 4.62 29.89 -26.84
N ILE B 57 4.60 29.60 -25.53
CA ILE B 57 5.83 29.56 -24.67
C ILE B 57 6.66 28.31 -25.05
N TYR B 58 6.03 27.14 -25.16
CA TYR B 58 6.71 25.88 -25.56
C TYR B 58 7.31 26.04 -26.96
N LYS B 59 6.67 26.83 -27.84
CA LYS B 59 7.12 27.05 -29.25
C LYS B 59 8.41 27.90 -29.27
N MET B 60 8.54 28.87 -28.34
CA MET B 60 9.76 29.72 -28.19
C MET B 60 10.91 28.89 -27.62
N MET B 61 10.61 27.86 -26.80
CA MET B 61 11.61 27.01 -26.07
C MET B 61 12.14 25.89 -27.00
N GLN B 62 11.46 25.62 -28.13
CA GLN B 62 11.78 24.48 -29.04
C GLN B 62 13.28 24.53 -29.36
N GLY B 63 13.94 23.37 -29.46
CA GLY B 63 15.36 23.27 -29.84
C GLY B 63 16.27 23.37 -28.63
N GLY B 64 15.74 23.82 -27.48
CA GLY B 64 16.43 23.75 -26.18
C GLY B 64 16.65 22.33 -25.76
N VAL B 65 17.84 22.01 -25.31
CA VAL B 65 18.14 20.81 -24.48
C VAL B 65 17.08 20.70 -23.36
N GLY B 66 16.34 19.58 -23.31
CA GLY B 66 15.44 19.21 -22.17
C GLY B 66 14.09 19.88 -22.26
N ILE B 67 13.74 20.39 -23.43
CA ILE B 67 12.40 20.93 -23.75
C ILE B 67 11.67 19.94 -24.65
N PRO B 68 10.50 19.43 -24.24
CA PRO B 68 9.72 18.51 -25.06
C PRO B 68 9.26 19.17 -26.36
N THR B 69 9.28 18.43 -27.47
CA THR B 69 8.80 18.89 -28.81
C THR B 69 7.27 18.88 -28.83
N ILE B 70 6.65 20.00 -29.24
CA ILE B 70 5.21 20.04 -29.64
C ILE B 70 5.07 19.30 -30.97
N ARG B 71 4.15 18.34 -31.04
CA ARG B 71 3.77 17.64 -32.30
C ARG B 71 2.64 18.41 -33.01
N TRP B 72 1.67 18.94 -32.25
CA TRP B 72 0.40 19.50 -32.78
C TRP B 72 -0.32 20.29 -31.69
N CYS B 73 -0.96 21.40 -32.08
CA CYS B 73 -1.87 22.23 -31.24
C CYS B 73 -3.11 22.58 -32.08
N GLY B 74 -4.31 22.40 -31.51
CA GLY B 74 -5.57 22.51 -32.28
C GLY B 74 -6.78 22.43 -31.39
N ALA B 75 -7.97 22.43 -31.99
CA ALA B 75 -9.27 22.31 -31.30
C ALA B 75 -10.00 21.07 -31.86
N GLU B 76 -10.60 20.27 -30.99
CA GLU B 76 -11.33 19.03 -31.37
C GLU B 76 -12.48 18.83 -30.40
N GLY B 77 -13.70 18.83 -30.90
CA GLY B 77 -14.93 18.82 -30.08
C GLY B 77 -14.90 19.94 -29.06
N ASP B 78 -14.95 19.57 -27.78
CA ASP B 78 -15.15 20.50 -26.65
C ASP B 78 -13.80 20.97 -26.08
N TYR B 79 -12.68 20.61 -26.73
CA TYR B 79 -11.32 20.62 -26.14
C TYR B 79 -10.34 21.35 -27.06
N ASN B 80 -9.54 22.24 -26.50
CA ASN B 80 -8.25 22.64 -27.08
C ASN B 80 -7.24 21.55 -26.76
N VAL B 81 -6.29 21.31 -27.67
CA VAL B 81 -5.44 20.08 -27.67
C VAL B 81 -4.01 20.49 -27.95
N MET B 82 -3.08 19.99 -27.13
CA MET B 82 -1.62 20.08 -27.35
C MET B 82 -1.07 18.66 -27.37
N VAL B 83 -0.31 18.31 -28.39
CA VAL B 83 0.34 17.00 -28.51
C VAL B 83 1.85 17.19 -28.41
N MET B 84 2.47 16.54 -27.43
CA MET B 84 3.92 16.58 -27.14
C MET B 84 4.50 15.19 -27.40
N GLU B 85 5.78 15.11 -27.71
CA GLU B 85 6.53 13.82 -27.67
C GLU B 85 6.36 13.26 -26.26
N LEU B 86 6.15 11.95 -26.16
CA LEU B 86 5.95 11.27 -24.86
C LEU B 86 7.27 11.31 -24.08
N LEU B 87 7.20 11.65 -22.80
CA LEU B 87 8.36 11.61 -21.88
C LEU B 87 8.12 10.53 -20.85
N GLY B 88 9.15 10.25 -20.07
CA GLY B 88 9.12 9.20 -19.05
C GLY B 88 8.73 9.74 -17.69
N PRO B 89 9.13 9.05 -16.60
CA PRO B 89 8.57 9.34 -15.29
C PRO B 89 9.11 10.67 -14.78
N SER B 90 8.36 11.32 -13.90
CA SER B 90 8.77 12.51 -13.15
C SER B 90 9.81 12.08 -12.09
N LEU B 91 10.54 13.06 -11.56
CA LEU B 91 11.52 12.84 -10.48
C LEU B 91 10.78 12.51 -9.18
N GLU B 92 9.54 12.95 -9.03
CA GLU B 92 8.69 12.58 -7.88
C GLU B 92 8.36 11.08 -7.96
N ASP B 93 8.00 10.60 -9.15
CA ASP B 93 7.63 9.19 -9.38
C ASP B 93 8.88 8.32 -9.20
N LEU B 94 9.99 8.67 -9.83
CA LEU B 94 11.28 7.93 -9.70
C LEU B 94 11.71 7.91 -8.23
N PHE B 95 11.53 9.02 -7.51
CA PHE B 95 11.90 9.16 -6.08
C PHE B 95 11.05 8.21 -5.23
N ASN B 96 9.73 8.19 -5.46
CA ASN B 96 8.79 7.27 -4.77
C ASN B 96 9.22 5.83 -5.05
N PHE B 97 9.58 5.57 -6.29
CA PHE B 97 9.95 4.24 -6.80
C PHE B 97 11.31 3.80 -6.21
N CYS B 98 12.11 4.76 -5.74
CA CYS B 98 13.46 4.51 -5.16
C CYS B 98 13.37 4.62 -3.64
N SER B 99 12.16 4.55 -3.10
CA SER B 99 11.88 4.56 -1.63
C SER B 99 12.32 5.88 -1.04
N ARG B 100 12.17 6.96 -1.80
CA ARG B 100 12.39 8.35 -1.36
C ARG B 100 13.80 8.47 -0.80
N LYS B 101 14.77 7.85 -1.50
CA LYS B 101 16.20 7.91 -1.16
C LYS B 101 17.02 7.93 -2.45
N PHE B 102 17.65 9.06 -2.75
CA PHE B 102 18.62 9.21 -3.86
C PHE B 102 20.05 9.28 -3.28
N SER B 103 20.96 8.49 -3.84
CA SER B 103 22.42 8.61 -3.64
C SER B 103 22.89 10.04 -3.99
N LEU B 104 23.97 10.47 -3.38
CA LEU B 104 24.61 11.77 -3.65
C LEU B 104 24.86 11.89 -5.16
N LYS B 105 25.23 10.80 -5.82
CA LYS B 105 25.60 10.81 -7.24
C LYS B 105 24.39 11.16 -8.10
N THR B 106 23.23 10.59 -7.81
CA THR B 106 21.97 10.88 -8.54
C THR B 106 21.57 12.35 -8.32
N VAL B 107 21.68 12.82 -7.10
CA VAL B 107 21.32 14.22 -6.74
C VAL B 107 22.21 15.18 -7.53
N LEU B 108 23.50 14.90 -7.63
CA LEU B 108 24.50 15.77 -8.32
C LEU B 108 24.28 15.70 -9.85
N LEU B 109 23.96 14.53 -10.39
CA LEU B 109 23.67 14.36 -11.84
C LEU B 109 22.40 15.16 -12.18
N LEU B 110 21.39 15.10 -11.32
CA LEU B 110 20.08 15.79 -11.50
C LEU B 110 20.31 17.31 -11.42
N ALA B 111 20.97 17.75 -10.36
CA ALA B 111 21.22 19.17 -10.08
C ALA B 111 21.91 19.81 -11.29
N ASP B 112 22.85 19.12 -11.92
CA ASP B 112 23.69 19.68 -13.01
C ASP B 112 22.80 20.04 -14.21
N GLN B 113 21.90 19.13 -14.56
CA GLN B 113 20.94 19.30 -15.69
C GLN B 113 19.86 20.35 -15.33
N MET B 114 19.29 20.26 -14.13
CA MET B 114 18.15 21.06 -13.66
C MET B 114 18.55 22.56 -13.61
N ILE B 115 19.71 22.89 -13.07
CA ILE B 115 20.27 24.28 -13.12
C ILE B 115 20.28 24.73 -14.59
N SER B 116 20.69 23.85 -15.49
CA SER B 116 20.84 24.14 -16.94
C SER B 116 19.48 24.36 -17.60
N ARG B 117 18.44 23.61 -17.21
CA ARG B 117 17.05 23.80 -17.73
C ARG B 117 16.55 25.17 -17.30
N ILE B 118 16.68 25.49 -16.03
CA ILE B 118 16.21 26.76 -15.45
C ILE B 118 16.96 27.91 -16.13
N GLU B 119 18.25 27.71 -16.44
CA GLU B 119 19.09 28.75 -17.09
C GLU B 119 18.62 28.97 -18.54
N TYR B 120 18.23 27.91 -19.23
CA TYR B 120 17.68 28.00 -20.59
C TYR B 120 16.39 28.83 -20.57
N ILE B 121 15.49 28.54 -19.63
CA ILE B 121 14.17 29.20 -19.48
C ILE B 121 14.37 30.70 -19.19
N HIS B 122 15.32 31.04 -18.33
CA HIS B 122 15.67 32.43 -17.98
C HIS B 122 16.21 33.14 -19.23
N SER B 123 16.93 32.42 -20.07
CA SER B 123 17.53 32.95 -21.34
C SER B 123 16.42 33.28 -22.34
N LYS B 124 15.24 32.71 -22.18
CA LYS B 124 14.07 32.98 -23.05
C LYS B 124 13.13 34.00 -22.40
N ASN B 125 13.56 34.63 -21.31
CA ASN B 125 12.88 35.81 -20.71
C ASN B 125 11.68 35.33 -19.89
N PHE B 126 11.65 34.09 -19.47
CA PHE B 126 10.58 33.53 -18.61
C PHE B 126 11.17 33.11 -17.26
N ILE B 127 10.35 33.24 -16.23
CA ILE B 127 10.48 32.50 -14.94
C ILE B 127 9.45 31.38 -14.98
N HIS B 128 9.79 30.22 -14.41
CA HIS B 128 8.90 29.03 -14.35
C HIS B 128 7.89 29.20 -13.21
N ARG B 129 8.39 29.30 -11.95
CA ARG B 129 7.63 29.73 -10.73
C ARG B 129 6.94 28.52 -10.08
N ASP B 130 7.19 27.31 -10.60
CA ASP B 130 6.66 26.03 -10.05
C ASP B 130 7.71 24.94 -10.24
N VAL B 131 8.94 25.26 -9.86
CA VAL B 131 10.07 24.30 -9.77
C VAL B 131 9.74 23.29 -8.67
N LYS B 132 9.55 22.03 -9.06
CA LYS B 132 9.15 20.93 -8.16
C LYS B 132 9.40 19.62 -8.89
N PRO B 133 9.59 18.51 -8.16
CA PRO B 133 9.98 17.24 -8.78
C PRO B 133 9.01 16.77 -9.88
N ASP B 134 7.77 17.23 -9.85
CA ASP B 134 6.69 16.75 -10.75
C ASP B 134 6.83 17.37 -12.13
N ASN B 135 7.60 18.45 -12.25
CA ASN B 135 7.71 19.25 -13.50
C ASN B 135 9.05 18.98 -14.16
N PHE B 136 9.78 17.96 -13.66
CA PHE B 136 10.98 17.40 -14.34
C PHE B 136 10.72 15.94 -14.65
N LEU B 137 10.74 15.60 -15.93
CA LEU B 137 10.50 14.21 -16.42
C LEU B 137 11.79 13.74 -17.06
N MET B 138 12.13 12.47 -16.92
CA MET B 138 13.20 11.82 -17.72
C MET B 138 12.63 11.48 -19.10
N GLY B 139 13.46 11.54 -20.12
CA GLY B 139 13.13 11.03 -21.45
C GLY B 139 13.01 9.53 -21.44
N LEU B 140 12.53 8.99 -22.53
CA LEU B 140 12.46 7.55 -22.81
C LEU B 140 13.55 7.25 -23.85
N GLY B 141 13.93 5.99 -23.99
CA GLY B 141 14.78 5.51 -25.09
C GLY B 141 16.15 6.14 -25.05
N LYS B 142 16.58 6.73 -26.16
CA LYS B 142 17.91 7.36 -26.34
C LYS B 142 18.02 8.61 -25.44
N LYS B 143 16.88 9.16 -25.03
CA LYS B 143 16.78 10.42 -24.24
C LYS B 143 16.57 10.09 -22.76
N GLY B 144 16.84 8.83 -22.35
CA GLY B 144 16.62 8.34 -20.98
C GLY B 144 17.59 8.94 -19.98
N ASN B 145 18.63 9.64 -20.45
CA ASN B 145 19.66 10.29 -19.60
C ASN B 145 19.39 11.80 -19.50
N LEU B 146 18.38 12.32 -20.21
CA LEU B 146 17.99 13.75 -20.18
C LEU B 146 16.86 13.96 -19.17
N VAL B 147 17.06 14.92 -18.26
CA VAL B 147 16.01 15.61 -17.46
C VAL B 147 15.33 16.65 -18.37
N TYR B 148 14.02 16.52 -18.57
CA TYR B 148 13.17 17.52 -19.27
C TYR B 148 12.40 18.32 -18.24
N ILE B 149 12.24 19.62 -18.48
CA ILE B 149 11.35 20.51 -17.66
C ILE B 149 10.10 20.76 -18.48
N ILE B 150 8.95 20.78 -17.82
CA ILE B 150 7.63 20.91 -18.45
C ILE B 150 6.79 21.90 -17.67
N ASP B 151 5.64 22.23 -18.23
CA ASP B 151 4.54 22.96 -17.57
C ASP B 151 4.91 24.43 -17.43
N PHE B 152 4.40 25.25 -18.36
CA PHE B 152 4.62 26.72 -18.39
C PHE B 152 3.29 27.42 -18.11
N GLY B 153 2.40 26.72 -17.41
CA GLY B 153 1.08 27.25 -17.06
C GLY B 153 1.17 28.41 -16.08
N LEU B 154 2.18 28.40 -15.18
CA LEU B 154 2.36 29.38 -14.08
C LEU B 154 3.50 30.34 -14.42
N ALA B 155 4.08 30.19 -15.60
CA ALA B 155 5.30 30.92 -16.05
C ALA B 155 4.91 32.35 -16.41
N LYS B 156 5.89 33.22 -16.59
CA LYS B 156 5.68 34.66 -16.80
C LYS B 156 6.97 35.30 -17.34
N LYS B 157 6.85 36.27 -18.25
CA LYS B 157 8.00 37.09 -18.73
C LYS B 157 8.49 37.97 -17.57
N TYR B 158 9.81 38.05 -17.39
CA TYR B 158 10.46 38.89 -16.37
C TYR B 158 11.19 40.07 -17.03
N ARG B 159 11.37 40.07 -18.37
CA ARG B 159 11.90 41.26 -19.13
C ARG B 159 11.26 41.36 -20.54
N HIS B 166 13.90 44.36 -16.91
CA HIS B 166 13.35 43.55 -15.79
C HIS B 166 11.98 44.10 -15.38
N ILE B 167 11.04 43.22 -15.02
CA ILE B 167 9.73 43.60 -14.42
C ILE B 167 10.00 44.39 -13.14
N PRO B 168 9.05 45.21 -12.66
CA PRO B 168 9.25 45.96 -11.42
C PRO B 168 9.12 45.07 -10.17
N TYR B 169 9.89 45.39 -9.12
CA TYR B 169 9.69 44.95 -7.72
C TYR B 169 8.22 45.16 -7.31
N ARG B 170 7.51 44.07 -7.00
CA ARG B 170 6.13 44.13 -6.46
C ARG B 170 6.09 43.26 -5.22
N GLU B 171 5.18 43.56 -4.29
CA GLU B 171 4.78 42.67 -3.15
C GLU B 171 3.27 42.35 -3.28
N ASN B 172 2.65 41.82 -2.21
CA ASN B 172 1.20 41.42 -2.13
C ASN B 172 0.82 40.55 -3.33
N LYS B 173 1.46 39.39 -3.48
CA LYS B 173 1.25 38.48 -4.62
C LYS B 173 0.97 37.07 -4.08
N ASN B 174 -0.23 36.55 -4.34
CA ASN B 174 -0.67 35.17 -3.99
C ASN B 174 0.45 34.17 -4.33
N LEU B 175 0.80 33.30 -3.38
CA LEU B 175 1.68 32.13 -3.62
C LEU B 175 1.03 31.26 -4.70
N THR B 176 1.62 31.25 -5.90
CA THR B 176 1.00 30.72 -7.15
C THR B 176 1.41 29.26 -7.33
N GLY B 177 2.68 28.92 -7.01
CA GLY B 177 3.27 27.59 -7.23
C GLY B 177 2.93 26.62 -6.11
N THR B 178 3.88 25.77 -5.75
CA THR B 178 3.76 24.72 -4.69
C THR B 178 4.49 25.17 -3.42
N ALA B 179 3.75 25.28 -2.31
CA ALA B 179 4.18 25.94 -1.06
C ALA B 179 5.47 25.31 -0.57
N ARG B 180 5.59 24.00 -0.70
CA ARG B 180 6.70 23.21 -0.13
C ARG B 180 8.06 23.75 -0.65
N TYR B 181 8.15 24.14 -1.92
CA TYR B 181 9.42 24.44 -2.60
C TYR B 181 9.53 25.95 -2.82
N ALA B 182 8.55 26.73 -2.38
CA ALA B 182 8.50 28.20 -2.57
C ALA B 182 9.67 28.85 -1.83
N SER B 183 10.25 29.89 -2.44
CA SER B 183 11.32 30.74 -1.85
C SER B 183 10.77 31.50 -0.64
N ILE B 184 11.66 31.91 0.25
CA ILE B 184 11.31 32.76 1.42
C ILE B 184 10.67 34.06 0.91
N ASN B 185 11.26 34.70 -0.11
CA ASN B 185 10.68 35.92 -0.74
C ASN B 185 9.22 35.65 -1.15
N THR B 186 8.95 34.52 -1.76
CA THR B 186 7.63 34.21 -2.32
C THR B 186 6.62 34.27 -1.18
N HIS B 187 6.95 33.68 -0.03
CA HIS B 187 6.10 33.65 1.19
C HIS B 187 5.88 35.08 1.71
N LEU B 188 6.85 35.97 1.54
CA LEU B 188 6.73 37.40 1.94
C LEU B 188 5.82 38.13 0.96
N GLY B 189 5.47 37.49 -0.16
CA GLY B 189 4.51 37.99 -1.17
C GLY B 189 5.21 38.77 -2.28
N ILE B 190 6.53 38.73 -2.33
CA ILE B 190 7.37 39.43 -3.34
C ILE B 190 7.27 38.70 -4.70
N GLU B 191 7.14 39.49 -5.78
CA GLU B 191 7.19 39.05 -7.19
C GLU B 191 8.35 38.08 -7.38
N GLN B 192 8.08 36.88 -7.89
CA GLN B 192 9.11 35.88 -8.24
C GLN B 192 9.98 36.43 -9.36
N SER B 193 11.27 36.16 -9.28
CA SER B 193 12.26 36.42 -10.35
C SER B 193 13.24 35.26 -10.40
N ARG B 194 14.33 35.39 -11.13
CA ARG B 194 15.24 34.26 -11.47
C ARG B 194 15.70 33.61 -10.17
N ARG B 195 16.09 34.40 -9.16
CA ARG B 195 16.65 33.88 -7.88
C ARG B 195 15.69 32.85 -7.25
N ASP B 196 14.40 32.99 -7.53
CA ASP B 196 13.33 32.20 -6.87
C ASP B 196 13.22 30.81 -7.51
N ASP B 197 13.27 30.72 -8.83
CA ASP B 197 13.39 29.45 -9.55
C ASP B 197 14.56 28.66 -8.94
N LEU B 198 15.70 29.32 -8.71
CA LEU B 198 16.92 28.66 -8.23
C LEU B 198 16.82 28.31 -6.75
N GLU B 199 16.16 29.13 -5.92
CA GLU B 199 15.97 28.79 -4.49
C GLU B 199 15.18 27.51 -4.41
N SER B 200 14.08 27.45 -5.16
CA SER B 200 13.16 26.29 -5.24
C SER B 200 13.94 25.04 -5.61
N LEU B 201 14.73 25.09 -6.67
CA LEU B 201 15.62 23.96 -7.07
C LEU B 201 16.39 23.51 -5.84
N GLY B 202 16.86 24.48 -5.05
CA GLY B 202 17.65 24.24 -3.83
C GLY B 202 16.90 23.40 -2.82
N TYR B 203 15.61 23.70 -2.59
CA TYR B 203 14.71 22.96 -1.68
C TYR B 203 14.39 21.60 -2.27
N VAL B 204 14.32 21.52 -3.60
CA VAL B 204 14.06 20.24 -4.31
C VAL B 204 15.24 19.30 -4.11
N LEU B 205 16.47 19.81 -4.15
CA LEU B 205 17.69 18.96 -4.02
C LEU B 205 17.80 18.45 -2.58
N MET B 206 17.48 19.28 -1.59
CA MET B 206 17.60 18.91 -0.16
C MET B 206 16.48 17.91 0.21
N TYR B 207 15.31 18.06 -0.42
CA TYR B 207 14.20 17.07 -0.40
C TYR B 207 14.70 15.71 -0.88
N PHE B 208 15.40 15.69 -2.02
CA PHE B 208 16.01 14.46 -2.59
C PHE B 208 17.00 13.86 -1.60
N ASN B 209 17.77 14.71 -0.91
CA ASN B 209 18.81 14.29 0.06
C ASN B 209 18.17 13.69 1.32
N LEU B 210 17.09 14.30 1.84
CA LEU B 210 16.57 14.07 3.23
C LEU B 210 15.45 13.01 3.21
N GLY B 211 14.78 12.83 2.06
CA GLY B 211 13.54 12.03 1.96
C GLY B 211 12.30 12.88 2.21
N SER B 212 12.45 14.02 2.88
CA SER B 212 11.38 15.01 3.08
C SER B 212 12.01 16.33 3.52
N LEU B 213 11.20 17.37 3.66
CA LEU B 213 11.65 18.70 4.18
C LEU B 213 10.99 18.95 5.55
N PRO B 214 11.66 19.70 6.45
CA PRO B 214 11.17 19.92 7.80
C PRO B 214 9.79 20.58 7.87
N TRP B 215 9.37 21.27 6.81
CA TRP B 215 8.10 22.06 6.77
C TRP B 215 7.04 21.25 6.03
N GLN B 216 7.31 19.98 5.78
CA GLN B 216 6.45 19.04 5.03
C GLN B 216 5.45 18.40 6.00
N GLY B 217 4.16 18.37 5.62
CA GLY B 217 3.08 17.67 6.34
C GLY B 217 2.69 18.40 7.61
N LEU B 218 2.63 19.74 7.57
CA LEU B 218 2.15 20.58 8.70
C LEU B 218 0.63 20.69 8.66
N LYS B 219 -0.02 20.33 9.78
CA LYS B 219 -1.49 20.27 9.94
C LYS B 219 -2.00 21.70 10.20
N ALA B 220 -3.18 22.03 9.66
CA ALA B 220 -3.84 23.36 9.84
C ALA B 220 -5.23 23.32 9.20
N ALA B 221 -6.09 24.27 9.60
CA ALA B 221 -7.53 24.35 9.25
C ALA B 221 -7.70 24.57 7.73
N THR B 222 -7.10 25.64 7.20
CA THR B 222 -7.28 26.13 5.80
C THR B 222 -5.97 25.97 5.02
N LYS B 223 -6.02 26.17 3.70
CA LYS B 223 -4.83 26.31 2.82
C LYS B 223 -4.04 27.53 3.27
N ARG B 224 -4.73 28.65 3.52
CA ARG B 224 -4.10 29.95 3.90
C ARG B 224 -3.24 29.74 5.15
N GLN B 225 -3.78 29.05 6.16
CA GLN B 225 -3.10 28.81 7.46
C GLN B 225 -1.86 27.95 7.22
N LYS B 226 -1.99 26.88 6.40
CA LYS B 226 -0.90 25.90 6.14
C LYS B 226 0.30 26.63 5.51
N TYR B 227 0.04 27.52 4.56
CA TYR B 227 1.09 28.32 3.86
C TYR B 227 1.87 29.14 4.89
N GLU B 228 1.17 29.78 5.81
CA GLU B 228 1.79 30.65 6.84
C GLU B 228 2.63 29.78 7.78
N ARG B 229 2.14 28.59 8.12
CA ARG B 229 2.85 27.60 8.98
C ARG B 229 4.11 27.13 8.27
N ILE B 230 4.08 26.99 6.94
CA ILE B 230 5.24 26.55 6.12
C ILE B 230 6.27 27.68 6.09
N SER B 231 5.81 28.89 5.80
CA SER B 231 6.61 30.14 5.81
C SER B 231 7.35 30.25 7.14
N GLU B 232 6.63 30.06 8.25
CA GLU B 232 7.12 30.26 9.63
C GLU B 232 8.23 29.26 9.91
N LYS B 233 8.03 28.01 9.48
CA LYS B 233 8.99 26.90 9.64
C LYS B 233 10.23 27.15 8.76
N LYS B 234 10.03 27.60 7.53
CA LYS B 234 11.13 27.88 6.57
C LYS B 234 12.02 28.96 7.16
N MET B 235 11.42 30.00 7.72
CA MET B 235 12.14 31.22 8.13
C MET B 235 12.83 30.99 9.49
N SER B 236 12.38 29.99 10.24
CA SER B 236 12.92 29.64 11.59
C SER B 236 13.81 28.38 11.52
N THR B 237 14.05 27.84 10.33
CA THR B 237 15.02 26.74 10.09
C THR B 237 16.25 27.33 9.37
N PRO B 238 17.36 27.56 10.08
CA PRO B 238 18.57 28.03 9.43
C PRO B 238 19.01 27.06 8.33
N ILE B 239 19.64 27.56 7.27
CA ILE B 239 20.10 26.77 6.11
C ILE B 239 21.10 25.70 6.57
N GLU B 240 21.93 25.96 7.57
CA GLU B 240 22.98 25.00 8.01
C GLU B 240 22.34 23.90 8.87
N VAL B 241 21.11 24.10 9.34
CA VAL B 241 20.34 23.09 10.12
C VAL B 241 19.61 22.19 9.14
N LEU B 242 18.95 22.79 8.14
CA LEU B 242 18.27 22.06 7.04
C LEU B 242 19.26 21.05 6.45
N CYS B 243 20.47 21.49 6.16
CA CYS B 243 21.47 20.78 5.32
C CYS B 243 22.49 20.01 6.20
N LYS B 244 22.32 20.00 7.54
CA LYS B 244 23.31 19.35 8.43
C LYS B 244 23.55 17.92 7.96
N GLY B 245 24.82 17.51 7.83
CA GLY B 245 25.21 16.12 7.52
C GLY B 245 25.38 15.90 6.03
N TYR B 246 24.92 16.83 5.22
CA TYR B 246 25.09 16.80 3.76
C TYR B 246 26.21 17.73 3.37
N PRO B 247 26.89 17.49 2.23
CA PRO B 247 28.04 18.30 1.86
C PRO B 247 27.69 19.80 1.87
N SER B 248 28.66 20.64 2.25
CA SER B 248 28.53 22.11 2.40
C SER B 248 27.89 22.73 1.13
N GLU B 249 28.07 22.10 -0.04
CA GLU B 249 27.67 22.67 -1.35
C GLU B 249 26.18 23.01 -1.35
N PHE B 250 25.35 22.22 -0.71
CA PHE B 250 23.86 22.37 -0.71
C PHE B 250 23.49 23.64 0.06
N ALA B 251 24.17 23.87 1.19
CA ALA B 251 24.07 25.07 2.03
C ALA B 251 24.60 26.28 1.28
N THR B 252 25.75 26.14 0.63
CA THR B 252 26.45 27.24 -0.09
C THR B 252 25.52 27.73 -1.19
N TYR B 253 24.87 26.79 -1.90
CA TYR B 253 23.90 27.03 -3.02
C TYR B 253 22.72 27.88 -2.52
N LEU B 254 22.04 27.40 -1.47
CA LEU B 254 20.85 28.08 -0.88
C LEU B 254 21.24 29.47 -0.34
N ASN B 255 22.41 29.58 0.27
CA ASN B 255 22.92 30.86 0.80
C ASN B 255 23.10 31.85 -0.37
N PHE B 256 23.63 31.38 -1.48
CA PHE B 256 23.91 32.19 -2.68
C PHE B 256 22.60 32.67 -3.28
N CYS B 257 21.59 31.82 -3.31
CA CYS B 257 20.21 32.13 -3.83
C CYS B 257 19.52 33.17 -2.93
N ARG B 258 19.63 33.03 -1.61
CA ARG B 258 19.01 33.94 -0.61
CA ARG B 258 19.00 33.94 -0.62
C ARG B 258 19.73 35.31 -0.62
N SER B 259 20.93 35.36 -1.21
CA SER B 259 21.76 36.59 -1.32
C SER B 259 21.44 37.38 -2.60
N LEU B 260 20.80 36.75 -3.59
CA LEU B 260 20.59 37.34 -4.92
C LEU B 260 19.59 38.50 -4.81
N ARG B 261 19.89 39.62 -5.43
CA ARG B 261 18.95 40.76 -5.58
C ARG B 261 17.84 40.39 -6.54
N PHE B 262 16.68 41.03 -6.42
CA PHE B 262 15.45 40.80 -7.22
C PHE B 262 15.78 40.71 -8.73
N ASP B 263 16.64 41.61 -9.23
CA ASP B 263 16.90 41.82 -10.68
C ASP B 263 18.27 41.17 -11.05
N ASP B 264 18.95 40.51 -10.12
CA ASP B 264 20.29 39.91 -10.37
C ASP B 264 20.15 38.79 -11.42
N LYS B 265 21.06 38.77 -12.39
CA LYS B 265 21.36 37.58 -13.21
C LYS B 265 22.21 36.63 -12.36
N PRO B 266 21.71 35.43 -12.03
CA PRO B 266 22.46 34.46 -11.24
C PRO B 266 23.68 33.95 -12.00
N ASP B 267 24.71 33.55 -11.27
CA ASP B 267 25.90 32.89 -11.82
C ASP B 267 25.62 31.39 -11.93
N TYR B 268 24.78 30.98 -12.88
CA TYR B 268 24.41 29.56 -13.12
C TYR B 268 25.70 28.74 -13.22
N SER B 269 26.70 29.30 -13.88
CA SER B 269 28.02 28.67 -14.08
C SER B 269 28.63 28.30 -12.70
N TYR B 270 28.70 29.26 -11.81
CA TYR B 270 29.29 29.10 -10.46
C TYR B 270 28.55 27.95 -9.75
N LEU B 271 27.23 27.91 -9.85
CA LEU B 271 26.38 26.97 -9.07
C LEU B 271 26.58 25.56 -9.61
N ARG B 272 26.64 25.41 -10.93
CA ARG B 272 26.95 24.13 -11.58
C ARG B 272 28.34 23.69 -11.12
N GLN B 273 29.32 24.63 -11.11
CA GLN B 273 30.75 24.35 -10.78
C GLN B 273 30.87 23.97 -9.31
N LEU B 274 29.94 24.42 -8.50
CA LEU B 274 29.81 24.07 -7.08
C LEU B 274 29.65 22.54 -6.95
N PHE B 275 28.69 21.99 -7.67
CA PHE B 275 28.30 20.55 -7.61
C PHE B 275 29.25 19.71 -8.45
N ARG B 276 29.81 20.30 -9.50
CA ARG B 276 30.83 19.66 -10.36
C ARG B 276 32.10 19.38 -9.53
N ASN B 277 32.58 20.36 -8.78
CA ASN B 277 33.76 20.23 -7.91
C ASN B 277 33.50 19.11 -6.89
N LEU B 278 32.32 19.06 -6.30
CA LEU B 278 31.94 18.02 -5.29
C LEU B 278 31.85 16.65 -5.97
N PHE B 279 31.24 16.60 -7.14
CA PHE B 279 31.21 15.41 -8.01
C PHE B 279 32.63 14.84 -8.14
N HIS B 280 33.60 15.71 -8.38
CA HIS B 280 35.01 15.31 -8.66
CA HIS B 280 35.00 15.29 -8.68
C HIS B 280 35.71 14.86 -7.36
N ARG B 281 35.48 15.59 -6.24
CA ARG B 281 35.94 15.17 -4.88
C ARG B 281 35.45 13.74 -4.58
N GLN B 282 34.20 13.45 -4.93
CA GLN B 282 33.51 12.19 -4.54
C GLN B 282 33.99 11.04 -5.43
N GLY B 283 34.73 11.36 -6.49
CA GLY B 283 35.32 10.37 -7.41
C GLY B 283 34.27 9.70 -8.30
N PHE B 284 33.09 10.30 -8.46
CA PHE B 284 32.01 9.80 -9.34
C PHE B 284 32.41 10.02 -10.80
N SER B 285 31.90 9.19 -11.70
CA SER B 285 31.98 9.40 -13.17
C SER B 285 30.62 9.87 -13.71
N TYR B 286 30.64 10.85 -14.65
CA TYR B 286 29.44 11.39 -15.35
C TYR B 286 29.01 10.40 -16.43
N ASP B 287 28.34 9.32 -16.03
CA ASP B 287 27.96 8.18 -16.93
C ASP B 287 26.44 8.03 -16.97
N TYR B 288 25.72 8.95 -16.34
CA TYR B 288 24.23 9.04 -16.39
C TYR B 288 23.59 7.77 -15.85
N VAL B 289 24.25 7.08 -14.92
CA VAL B 289 23.67 5.92 -14.20
C VAL B 289 23.05 6.45 -12.92
N PHE B 290 21.75 6.76 -12.97
CA PHE B 290 20.92 7.16 -11.82
C PHE B 290 20.53 5.88 -11.04
N ASP B 291 20.04 6.03 -9.81
CA ASP B 291 19.73 4.89 -8.90
C ASP B 291 18.70 3.95 -9.53
N TRP B 292 17.69 4.52 -10.17
CA TRP B 292 16.59 3.76 -10.80
C TRP B 292 17.14 2.91 -11.97
N ASN B 293 18.24 3.34 -12.61
CA ASN B 293 18.95 2.58 -13.68
C ASN B 293 19.54 1.27 -13.14
N MET B 294 19.71 1.14 -11.83
CA MET B 294 20.44 0.01 -11.23
C MET B 294 19.44 -1.05 -10.73
N LEU B 295 18.17 -0.69 -10.65
CA LEU B 295 17.06 -1.62 -10.32
C LEU B 295 17.06 -2.82 -11.30
N LYS B 296 16.57 -3.97 -10.82
CA LYS B 296 16.62 -5.28 -11.53
C LYS B 296 15.39 -6.13 -11.13
N LEU C 5 -12.00 5.34 15.61
CA LEU C 5 -13.49 5.27 15.39
C LEU C 5 -14.15 4.61 16.61
N ARG C 6 -15.25 5.20 17.09
CA ARG C 6 -16.22 4.56 18.03
C ARG C 6 -16.82 3.31 17.36
N VAL C 7 -17.19 2.32 18.15
CA VAL C 7 -17.73 0.99 17.70
C VAL C 7 -18.55 0.39 18.85
N GLY C 8 -19.84 0.11 18.61
CA GLY C 8 -20.77 -0.44 19.61
C GLY C 8 -20.89 0.45 20.84
N ASN C 9 -20.53 1.73 20.71
CA ASN C 9 -20.75 2.83 21.71
C ASN C 9 -19.75 2.74 22.89
N ARG C 10 -18.99 1.65 23.01
CA ARG C 10 -18.08 1.43 24.18
C ARG C 10 -16.72 0.85 23.76
N TYR C 11 -16.50 0.65 22.45
CA TYR C 11 -15.23 0.10 21.90
C TYR C 11 -14.59 1.16 21.00
N ARG C 12 -13.31 1.41 21.22
CA ARG C 12 -12.44 2.28 20.40
C ARG C 12 -11.54 1.38 19.57
N LEU C 13 -11.54 1.55 18.26
CA LEU C 13 -10.86 0.63 17.31
C LEU C 13 -9.43 1.09 17.12
N GLY C 14 -8.45 0.22 17.41
CA GLY C 14 -7.02 0.55 17.30
C GLY C 14 -6.49 0.30 15.91
N ARG C 15 -5.25 -0.18 15.81
CA ARG C 15 -4.53 -0.38 14.54
C ARG C 15 -4.68 -1.84 14.08
N LYS C 16 -4.65 -2.06 12.77
CA LYS C 16 -4.67 -3.39 12.12
C LYS C 16 -3.41 -4.16 12.51
N ILE C 17 -3.55 -5.28 13.23
CA ILE C 17 -2.40 -6.11 13.72
C ILE C 17 -2.27 -7.34 12.83
N GLY C 18 -3.28 -7.65 12.02
CA GLY C 18 -3.20 -8.79 11.10
C GLY C 18 -4.52 -9.13 10.45
N SER C 19 -4.69 -10.37 10.04
CA SER C 19 -5.69 -10.79 9.04
C SER C 19 -6.19 -12.21 9.36
N GLY C 20 -7.49 -12.42 9.25
CA GLY C 20 -8.17 -13.69 9.57
C GLY C 20 -8.48 -14.47 8.31
N SER C 21 -9.38 -15.45 8.40
CA SER C 21 -9.83 -16.30 7.26
C SER C 21 -10.66 -15.45 6.29
N PHE C 22 -11.40 -14.44 6.79
CA PHE C 22 -12.48 -13.74 6.02
C PHE C 22 -12.54 -12.22 6.31
N GLY C 23 -11.86 -11.74 7.36
CA GLY C 23 -11.79 -10.30 7.71
C GLY C 23 -10.40 -9.86 8.12
N ASP C 24 -10.25 -8.62 8.58
CA ASP C 24 -8.99 -8.05 9.14
C ASP C 24 -9.15 -7.86 10.66
N ILE C 25 -8.04 -7.95 11.40
CA ILE C 25 -8.04 -7.94 12.90
C ILE C 25 -7.39 -6.64 13.40
N TYR C 26 -8.06 -5.96 14.32
CA TYR C 26 -7.65 -4.68 14.91
C TYR C 26 -7.56 -4.86 16.43
N LEU C 27 -6.75 -4.02 17.06
CA LEU C 27 -6.47 -4.07 18.50
C LEU C 27 -7.12 -2.85 19.13
N GLY C 28 -8.29 -3.02 19.73
CA GLY C 28 -9.12 -1.91 20.23
C GLY C 28 -9.11 -1.85 21.73
N THR C 29 -9.99 -1.05 22.31
CA THR C 29 -10.12 -0.85 23.76
C THR C 29 -11.60 -0.85 24.13
N ASP C 30 -11.96 -1.64 25.13
CA ASP C 30 -13.25 -1.55 25.84
C ASP C 30 -13.14 -0.37 26.81
N ILE C 31 -13.52 0.81 26.34
CA ILE C 31 -13.39 2.10 27.08
C ILE C 31 -14.00 1.93 28.47
N ALA C 32 -15.14 1.26 28.54
CA ALA C 32 -16.02 1.18 29.72
C ALA C 32 -15.40 0.31 30.81
N ALA C 33 -14.74 -0.78 30.42
CA ALA C 33 -14.22 -1.82 31.36
C ALA C 33 -12.71 -1.67 31.53
N GLY C 34 -12.09 -0.76 30.76
CA GLY C 34 -10.62 -0.58 30.67
C GLY C 34 -9.89 -1.88 30.37
N GLU C 35 -10.32 -2.62 29.33
CA GLU C 35 -9.63 -3.82 28.80
C GLU C 35 -9.32 -3.61 27.33
N GLU C 36 -8.16 -4.04 26.86
CA GLU C 36 -7.82 -4.17 25.42
C GLU C 36 -8.62 -5.34 24.88
N VAL C 37 -9.07 -5.25 23.62
CA VAL C 37 -9.92 -6.25 22.91
C VAL C 37 -9.37 -6.44 21.51
N ALA C 38 -9.83 -7.49 20.82
CA ALA C 38 -9.54 -7.75 19.39
C ALA C 38 -10.84 -7.59 18.61
N ILE C 39 -10.78 -6.91 17.46
CA ILE C 39 -11.98 -6.56 16.64
C ILE C 39 -11.78 -7.07 15.21
N LYS C 40 -12.69 -7.91 14.75
CA LYS C 40 -12.72 -8.36 13.35
C LYS C 40 -13.70 -7.48 12.62
N LEU C 41 -13.24 -6.83 11.54
CA LEU C 41 -14.12 -6.08 10.59
C LEU C 41 -14.32 -6.92 9.32
N GLU C 42 -15.56 -6.99 8.81
CA GLU C 42 -15.93 -7.51 7.48
C GLU C 42 -16.86 -6.50 6.80
N CYS C 43 -16.56 -6.12 5.55
CA CYS C 43 -17.36 -5.18 4.73
C CYS C 43 -18.80 -5.70 4.62
N VAL C 44 -19.79 -4.86 4.96
CA VAL C 44 -21.24 -5.25 5.01
C VAL C 44 -21.69 -5.71 3.62
N LYS C 45 -21.16 -5.09 2.57
CA LYS C 45 -21.65 -5.24 1.18
C LYS C 45 -20.85 -6.34 0.46
N THR C 46 -20.10 -7.14 1.22
CA THR C 46 -19.28 -8.27 0.69
C THR C 46 -20.23 -9.35 0.17
N LYS C 47 -19.82 -10.08 -0.88
CA LYS C 47 -20.66 -10.98 -1.70
C LYS C 47 -20.96 -12.26 -0.91
N HIS C 48 -19.96 -12.74 -0.14
CA HIS C 48 -20.04 -13.93 0.74
C HIS C 48 -19.91 -13.49 2.19
N PRO C 49 -20.99 -13.00 2.82
CA PRO C 49 -20.95 -12.57 4.22
C PRO C 49 -20.89 -13.78 5.18
N GLN C 50 -20.06 -13.73 6.22
CA GLN C 50 -19.72 -14.90 7.09
C GLN C 50 -19.65 -14.48 8.57
N LEU C 51 -19.13 -13.30 8.90
CA LEU C 51 -18.76 -12.89 10.29
C LEU C 51 -19.90 -13.29 11.26
N HIS C 52 -21.14 -13.06 10.87
CA HIS C 52 -22.31 -13.34 11.72
C HIS C 52 -22.50 -14.84 11.80
N ILE C 53 -22.23 -15.58 10.71
CA ILE C 53 -22.18 -17.06 10.69
C ILE C 53 -21.10 -17.55 11.66
N GLU C 54 -19.89 -16.99 11.56
CA GLU C 54 -18.75 -17.34 12.47
C GLU C 54 -19.19 -17.07 13.93
N SER C 55 -19.72 -15.88 14.19
CA SER C 55 -20.15 -15.42 15.55
C SER C 55 -20.99 -16.53 16.21
N LYS C 56 -21.96 -17.08 15.48
CA LYS C 56 -22.94 -18.09 15.98
C LYS C 56 -22.19 -19.36 16.40
N ILE C 57 -21.09 -19.68 15.72
CA ILE C 57 -20.22 -20.86 16.06
C ILE C 57 -19.45 -20.54 17.35
N TYR C 58 -18.85 -19.35 17.45
CA TYR C 58 -18.12 -18.89 18.66
C TYR C 58 -19.08 -18.86 19.86
N LYS C 59 -20.35 -18.52 19.65
CA LYS C 59 -21.39 -18.43 20.72
C LYS C 59 -21.70 -19.82 21.29
N MET C 60 -21.71 -20.87 20.43
CA MET C 60 -21.94 -22.29 20.83
C MET C 60 -20.73 -22.81 21.63
N MET C 61 -19.52 -22.29 21.35
CA MET C 61 -18.24 -22.77 21.95
C MET C 61 -17.98 -22.09 23.31
N GLN C 62 -18.72 -21.01 23.62
CA GLN C 62 -18.47 -20.16 24.85
C GLN C 62 -18.40 -21.09 26.06
N GLY C 63 -17.51 -20.80 27.01
CA GLY C 63 -17.39 -21.55 28.28
C GLY C 63 -16.49 -22.77 28.15
N GLY C 64 -16.12 -23.12 26.92
CA GLY C 64 -15.02 -24.07 26.67
C GLY C 64 -13.70 -23.53 27.13
N VAL C 65 -12.92 -24.34 27.82
CA VAL C 65 -11.46 -24.14 28.01
C VAL C 65 -10.81 -23.81 26.63
N GLY C 66 -10.18 -22.64 26.50
CA GLY C 66 -9.32 -22.26 25.36
C GLY C 66 -10.12 -21.70 24.21
N ILE C 67 -11.37 -21.31 24.47
CA ILE C 67 -12.24 -20.59 23.50
C ILE C 67 -12.34 -19.13 23.93
N PRO C 68 -11.94 -18.18 23.07
CA PRO C 68 -12.04 -16.76 23.40
C PRO C 68 -13.50 -16.32 23.60
N THR C 69 -13.76 -15.43 24.55
CA THR C 69 -15.09 -14.83 24.82
C THR C 69 -15.43 -13.78 23.77
N ILE C 70 -16.60 -13.87 23.14
CA ILE C 70 -17.21 -12.74 22.35
C ILE C 70 -17.64 -11.65 23.34
N ARG C 71 -17.23 -10.41 23.10
CA ARG C 71 -17.70 -9.23 23.89
C ARG C 71 -18.95 -8.63 23.22
N TRP C 72 -18.98 -8.58 21.90
CA TRP C 72 -19.99 -7.83 21.11
C TRP C 72 -19.93 -8.24 19.63
N CYS C 73 -21.09 -8.32 18.98
CA CYS C 73 -21.28 -8.54 17.53
C CYS C 73 -22.33 -7.54 17.01
N GLY C 74 -22.05 -6.84 15.92
CA GLY C 74 -22.89 -5.71 15.46
C GLY C 74 -22.48 -5.18 14.12
N ALA C 75 -23.12 -4.13 13.67
CA ALA C 75 -22.83 -3.43 12.39
C ALA C 75 -22.54 -1.96 12.70
N GLU C 76 -21.50 -1.40 12.09
CA GLU C 76 -21.08 0.01 12.30
C GLU C 76 -20.49 0.54 11.01
N GLY C 77 -21.12 1.56 10.45
CA GLY C 77 -20.78 2.10 9.12
C GLY C 77 -20.80 1.00 8.08
N ASP C 78 -19.66 0.74 7.44
CA ASP C 78 -19.56 -0.13 6.25
C ASP C 78 -19.22 -1.58 6.67
N TYR C 79 -19.19 -1.87 7.98
CA TYR C 79 -18.49 -3.05 8.56
C TYR C 79 -19.43 -3.81 9.50
N ASN C 80 -19.49 -5.12 9.36
CA ASN C 80 -19.91 -6.03 10.44
C ASN C 80 -18.73 -6.19 11.39
N VAL C 81 -19.01 -6.35 12.69
CA VAL C 81 -18.00 -6.20 13.77
C VAL C 81 -18.19 -7.32 14.76
N MET C 82 -17.10 -8.00 15.11
CA MET C 82 -17.02 -8.97 16.23
C MET C 82 -15.94 -8.48 17.18
N VAL C 83 -16.26 -8.36 18.45
CA VAL C 83 -15.30 -7.97 19.51
C VAL C 83 -15.06 -9.18 20.42
N MET C 84 -13.80 -9.60 20.51
CA MET C 84 -13.32 -10.73 21.35
C MET C 84 -12.45 -10.18 22.48
N GLU C 85 -12.36 -10.88 23.58
CA GLU C 85 -11.29 -10.64 24.59
C GLU C 85 -9.96 -10.76 23.85
N LEU C 86 -9.02 -9.87 24.17
CA LEU C 86 -7.70 -9.84 23.53
C LEU C 86 -6.92 -11.09 23.95
N LEU C 87 -6.27 -11.76 23.00
CA LEU C 87 -5.37 -12.88 23.28
C LEU C 87 -3.94 -12.47 22.94
N GLY C 88 -2.99 -13.31 23.29
CA GLY C 88 -1.57 -13.04 23.07
C GLY C 88 -1.10 -13.63 21.75
N PRO C 89 0.22 -13.90 21.62
CA PRO C 89 0.78 -14.23 20.32
C PRO C 89 0.33 -15.62 19.87
N SER C 90 0.34 -15.85 18.58
CA SER C 90 0.13 -17.16 17.94
C SER C 90 1.36 -18.03 18.18
N LEU C 91 1.23 -19.34 17.99
CA LEU C 91 2.34 -20.31 18.12
C LEU C 91 3.30 -20.12 16.94
N GLU C 92 2.84 -19.59 15.82
CA GLU C 92 3.71 -19.24 14.67
C GLU C 92 4.61 -18.06 15.07
N ASP C 93 4.05 -17.05 15.74
CA ASP C 93 4.79 -15.85 16.18
C ASP C 93 5.79 -16.25 17.27
N LEU C 94 5.33 -16.99 18.30
CA LEU C 94 6.20 -17.49 19.39
C LEU C 94 7.32 -18.36 18.81
N PHE C 95 7.01 -19.20 17.82
CA PHE C 95 7.97 -20.11 17.15
C PHE C 95 9.04 -19.28 16.42
N ASN C 96 8.63 -18.27 15.66
CA ASN C 96 9.56 -17.34 14.96
C ASN C 96 10.44 -16.66 16.00
N PHE C 97 9.83 -16.26 17.10
CA PHE C 97 10.47 -15.51 18.20
C PHE C 97 11.44 -16.41 18.96
N CYS C 98 11.28 -17.74 18.86
CA CYS C 98 12.14 -18.74 19.54
C CYS C 98 13.11 -19.35 18.52
N SER C 99 13.29 -18.67 17.38
CA SER C 99 14.25 -19.06 16.31
C SER C 99 13.83 -20.40 15.72
N ARG C 100 12.53 -20.65 15.66
CA ARG C 100 11.93 -21.82 14.98
C ARG C 100 12.54 -23.08 15.58
N LYS C 101 12.67 -23.09 16.91
CA LYS C 101 13.17 -24.25 17.69
C LYS C 101 12.40 -24.30 19.02
N PHE C 102 11.54 -25.30 19.19
CA PHE C 102 10.86 -25.62 20.46
C PHE C 102 11.51 -26.88 21.08
N SER C 103 11.84 -26.82 22.37
CA SER C 103 12.24 -27.98 23.20
C SER C 103 11.11 -29.03 23.16
N LEU C 104 11.47 -30.29 23.36
CA LEU C 104 10.52 -31.40 23.47
C LEU C 104 9.45 -31.06 24.50
N LYS C 105 9.82 -30.39 25.59
CA LYS C 105 8.93 -30.08 26.72
C LYS C 105 7.83 -29.13 26.26
N THR C 106 8.18 -28.10 25.50
CA THR C 106 7.21 -27.10 24.96
C THR C 106 6.26 -27.80 23.99
N VAL C 107 6.80 -28.64 23.13
CA VAL C 107 6.00 -29.36 22.10
C VAL C 107 4.98 -30.25 22.82
N LEU C 108 5.39 -30.96 23.87
CA LEU C 108 4.52 -31.89 24.64
C LEU C 108 3.48 -31.11 25.46
N LEU C 109 3.85 -29.97 26.05
CA LEU C 109 2.90 -29.09 26.77
C LEU C 109 1.84 -28.57 25.79
N LEU C 110 2.26 -28.16 24.59
CA LEU C 110 1.38 -27.62 23.52
C LEU C 110 0.45 -28.73 23.02
N ALA C 111 1.01 -29.88 22.65
CA ALA C 111 0.29 -31.04 22.10
C ALA C 111 -0.86 -31.44 23.04
N ASP C 112 -0.62 -31.43 24.36
CA ASP C 112 -1.60 -31.91 25.37
C ASP C 112 -2.85 -31.01 25.32
N GLN C 113 -2.65 -29.70 25.27
CA GLN C 113 -3.74 -28.68 25.22
C GLN C 113 -4.44 -28.70 23.85
N MET C 114 -3.65 -28.73 22.78
CA MET C 114 -4.13 -28.63 21.38
C MET C 114 -5.05 -29.82 21.03
N ILE C 115 -4.68 -31.04 21.40
CA ILE C 115 -5.57 -32.24 21.25
C ILE C 115 -6.89 -31.93 21.96
N SER C 116 -6.81 -31.31 23.14
CA SER C 116 -7.99 -31.00 24.01
C SER C 116 -8.88 -29.94 23.36
N ARG C 117 -8.30 -28.92 22.70
CA ARG C 117 -9.07 -27.87 21.98
C ARG C 117 -9.85 -28.52 20.84
N ILE C 118 -9.17 -29.32 20.04
CA ILE C 118 -9.76 -30.00 18.87
C ILE C 118 -10.87 -30.92 19.35
N GLU C 119 -10.68 -31.57 20.50
CA GLU C 119 -11.66 -32.53 21.05
C GLU C 119 -12.92 -31.75 21.52
N TYR C 120 -12.74 -30.56 22.10
CA TYR C 120 -13.87 -29.71 22.54
C TYR C 120 -14.71 -29.33 21.31
N ILE C 121 -14.05 -28.90 20.23
CA ILE C 121 -14.70 -28.46 18.96
C ILE C 121 -15.50 -29.62 18.35
N HIS C 122 -14.93 -30.82 18.35
CA HIS C 122 -15.58 -32.05 17.83
C HIS C 122 -16.82 -32.36 18.68
N SER C 123 -16.75 -32.08 19.99
CA SER C 123 -17.84 -32.31 20.97
C SER C 123 -19.02 -31.37 20.68
N LYS C 124 -18.77 -30.26 19.97
CA LYS C 124 -19.82 -29.27 19.60
C LYS C 124 -20.27 -29.49 18.14
N ASN C 125 -19.90 -30.64 17.55
CA ASN C 125 -20.44 -31.11 16.26
C ASN C 125 -19.79 -30.36 15.08
N PHE C 126 -18.64 -29.74 15.31
CA PHE C 126 -17.89 -29.00 14.28
C PHE C 126 -16.52 -29.67 14.06
N ILE C 127 -16.03 -29.60 12.84
CA ILE C 127 -14.58 -29.74 12.53
C ILE C 127 -14.05 -28.36 12.18
N HIS C 128 -12.79 -28.10 12.52
CA HIS C 128 -12.10 -26.80 12.32
C HIS C 128 -11.68 -26.65 10.86
N ARG C 129 -10.79 -27.54 10.38
CA ARG C 129 -10.41 -27.75 8.95
C ARG C 129 -9.28 -26.79 8.56
N ASP C 130 -8.73 -26.04 9.51
CA ASP C 130 -7.58 -25.11 9.29
C ASP C 130 -6.71 -25.12 10.55
N VAL C 131 -6.41 -26.31 11.05
CA VAL C 131 -5.46 -26.53 12.15
C VAL C 131 -4.05 -26.12 11.66
N LYS C 132 -3.50 -25.08 12.26
CA LYS C 132 -2.18 -24.50 11.88
C LYS C 132 -1.70 -23.62 13.01
N PRO C 133 -0.38 -23.36 13.13
CA PRO C 133 0.15 -22.62 14.27
C PRO C 133 -0.50 -21.23 14.47
N ASP C 134 -1.06 -20.67 13.41
CA ASP C 134 -1.57 -19.27 13.40
C ASP C 134 -2.92 -19.21 14.09
N ASN C 135 -3.60 -20.36 14.25
CA ASN C 135 -4.98 -20.42 14.78
C ASN C 135 -4.97 -20.90 16.22
N PHE C 136 -3.76 -20.98 16.82
CA PHE C 136 -3.57 -21.20 18.28
C PHE C 136 -2.82 -20.01 18.88
N LEU C 137 -3.48 -19.30 19.78
CA LEU C 137 -2.92 -18.10 20.45
C LEU C 137 -2.77 -18.42 21.92
N MET C 138 -1.73 -17.93 22.58
CA MET C 138 -1.62 -17.96 24.06
C MET C 138 -2.44 -16.82 24.63
N GLY C 139 -3.04 -17.04 25.79
CA GLY C 139 -3.68 -15.97 26.59
C GLY C 139 -2.66 -14.98 27.08
N LEU C 140 -3.15 -13.90 27.60
CA LEU C 140 -2.38 -12.86 28.31
C LEU C 140 -2.66 -13.02 29.79
N GLY C 141 -1.83 -12.42 30.65
CA GLY C 141 -2.08 -12.31 32.09
C GLY C 141 -2.16 -13.67 32.74
N LYS C 142 -3.22 -13.92 33.51
CA LYS C 142 -3.42 -15.17 34.28
C LYS C 142 -3.72 -16.33 33.33
N LYS C 143 -4.06 -16.03 32.08
CA LYS C 143 -4.41 -17.02 31.03
C LYS C 143 -3.20 -17.27 30.11
N GLY C 144 -2.00 -16.85 30.54
CA GLY C 144 -0.76 -16.94 29.75
C GLY C 144 -0.28 -18.38 29.56
N ASN C 145 -0.85 -19.33 30.30
CA ASN C 145 -0.49 -20.77 30.23
C ASN C 145 -1.54 -21.55 29.42
N LEU C 146 -2.58 -20.88 28.94
CA LEU C 146 -3.64 -21.50 28.10
C LEU C 146 -3.32 -21.25 26.62
N VAL C 147 -3.31 -22.33 25.83
CA VAL C 147 -3.46 -22.34 24.36
C VAL C 147 -4.94 -22.11 24.03
N TYR C 148 -5.27 -21.06 23.29
CA TYR C 148 -6.61 -20.78 22.73
C TYR C 148 -6.61 -21.15 21.25
N ILE C 149 -7.71 -21.72 20.77
CA ILE C 149 -7.94 -21.96 19.31
C ILE C 149 -8.94 -20.91 18.84
N ILE C 150 -8.74 -20.41 17.62
CA ILE C 150 -9.57 -19.34 17.03
C ILE C 150 -9.88 -19.67 15.58
N ASP C 151 -10.75 -18.86 14.99
CA ASP C 151 -11.01 -18.80 13.54
C ASP C 151 -11.88 -19.99 13.14
N PHE C 152 -13.19 -19.76 13.03
CA PHE C 152 -14.18 -20.77 12.63
C PHE C 152 -14.76 -20.39 11.27
N GLY C 153 -13.98 -19.64 10.50
CA GLY C 153 -14.37 -19.21 9.15
C GLY C 153 -14.51 -20.39 8.20
N LEU C 154 -13.67 -21.42 8.37
CA LEU C 154 -13.53 -22.58 7.46
C LEU C 154 -14.20 -23.80 8.09
N ALA C 155 -14.78 -23.65 9.28
CA ALA C 155 -15.34 -24.76 10.10
C ALA C 155 -16.66 -25.21 9.50
N LYS C 156 -17.18 -26.35 9.95
CA LYS C 156 -18.36 -27.00 9.34
C LYS C 156 -18.89 -28.08 10.31
N LYS C 157 -20.21 -28.24 10.38
CA LYS C 157 -20.86 -29.35 11.13
C LYS C 157 -20.56 -30.68 10.42
N TYR C 158 -20.17 -31.70 11.17
CA TYR C 158 -19.88 -33.06 10.66
C TYR C 158 -20.98 -34.03 11.10
N ARG C 159 -21.63 -33.73 12.22
CA ARG C 159 -22.85 -34.44 12.66
C ARG C 159 -23.94 -33.40 12.91
N ASP C 160 -25.18 -33.77 12.61
CA ASP C 160 -26.39 -33.01 13.03
C ASP C 160 -26.42 -32.97 14.57
N ALA C 161 -26.61 -31.78 15.16
CA ALA C 161 -26.58 -31.56 16.62
C ALA C 161 -27.51 -32.57 17.29
N ARG C 162 -28.75 -32.66 16.80
CA ARG C 162 -29.85 -33.49 17.37
C ARG C 162 -29.56 -34.98 17.10
N THR C 163 -29.53 -35.39 15.83
CA THR C 163 -29.56 -36.83 15.39
C THR C 163 -28.15 -37.47 15.53
N HIS C 164 -27.10 -36.67 15.71
CA HIS C 164 -25.67 -37.10 15.70
C HIS C 164 -25.35 -37.90 14.41
N GLN C 165 -26.15 -37.74 13.36
CA GLN C 165 -25.86 -38.32 12.02
C GLN C 165 -24.58 -37.67 11.48
N HIS C 166 -23.50 -38.45 11.32
CA HIS C 166 -22.26 -38.05 10.58
C HIS C 166 -22.65 -37.63 9.16
N ILE C 167 -21.99 -36.61 8.60
CA ILE C 167 -22.13 -36.21 7.17
C ILE C 167 -21.74 -37.40 6.32
N PRO C 168 -22.21 -37.47 5.04
CA PRO C 168 -21.81 -38.56 4.15
C PRO C 168 -20.37 -38.37 3.62
N TYR C 169 -19.69 -39.50 3.37
CA TYR C 169 -18.45 -39.60 2.53
C TYR C 169 -18.64 -38.86 1.21
N ARG C 170 -17.84 -37.82 0.96
CA ARG C 170 -17.78 -37.12 -0.34
C ARG C 170 -16.33 -37.05 -0.78
N GLU C 171 -16.10 -36.97 -2.10
CA GLU C 171 -14.78 -36.61 -2.71
C GLU C 171 -14.96 -35.35 -3.56
N ASN C 172 -13.97 -35.04 -4.44
CA ASN C 172 -13.94 -33.88 -5.37
C ASN C 172 -14.20 -32.58 -4.59
N LYS C 173 -13.35 -32.27 -3.62
CA LYS C 173 -13.53 -31.12 -2.71
C LYS C 173 -12.25 -30.28 -2.68
N ASN C 174 -12.34 -29.02 -3.13
CA ASN C 174 -11.24 -28.00 -3.06
C ASN C 174 -10.57 -28.06 -1.69
N LEU C 175 -9.23 -28.15 -1.67
CA LEU C 175 -8.41 -27.94 -0.44
C LEU C 175 -8.70 -26.52 0.08
N THR C 176 -9.40 -26.44 1.20
CA THR C 176 -10.03 -25.19 1.72
C THR C 176 -9.06 -24.52 2.72
N GLY C 177 -8.37 -25.32 3.55
CA GLY C 177 -7.48 -24.84 4.63
C GLY C 177 -6.10 -24.47 4.10
N THR C 178 -5.05 -24.77 4.87
CA THR C 178 -3.63 -24.47 4.55
C THR C 178 -2.89 -25.74 4.09
N ALA C 179 -2.36 -25.72 2.87
CA ALA C 179 -1.83 -26.89 2.14
C ALA C 179 -0.77 -27.59 3.00
N ARG C 180 0.07 -26.82 3.67
CA ARG C 180 1.23 -27.36 4.41
C ARG C 180 0.78 -28.42 5.45
N TYR C 181 -0.34 -28.20 6.12
CA TYR C 181 -0.75 -28.98 7.31
C TYR C 181 -1.92 -29.90 6.94
N ALA C 182 -2.37 -29.87 5.68
CA ALA C 182 -3.54 -30.65 5.19
C ALA C 182 -3.24 -32.14 5.31
N SER C 183 -4.25 -32.94 5.68
CA SER C 183 -4.20 -34.43 5.73
C SER C 183 -4.01 -34.99 4.33
N ILE C 184 -3.47 -36.19 4.22
CA ILE C 184 -3.33 -36.92 2.93
C ILE C 184 -4.73 -37.08 2.30
N ASN C 185 -5.74 -37.48 3.07
CA ASN C 185 -7.15 -37.58 2.58
C ASN C 185 -7.56 -36.23 1.94
N THR C 186 -7.27 -35.12 2.58
CA THR C 186 -7.73 -33.80 2.14
C THR C 186 -7.19 -33.56 0.73
N HIS C 187 -5.91 -33.88 0.49
CA HIS C 187 -5.22 -33.73 -0.82
C HIS C 187 -5.89 -34.63 -1.86
N LEU C 188 -6.41 -35.79 -1.44
CA LEU C 188 -7.12 -36.75 -2.34
C LEU C 188 -8.50 -36.20 -2.67
N GLY C 189 -8.92 -35.13 -1.98
CA GLY C 189 -10.18 -34.41 -2.25
C GLY C 189 -11.34 -34.94 -1.44
N ILE C 190 -11.06 -35.81 -0.48
CA ILE C 190 -12.06 -36.43 0.44
C ILE C 190 -12.52 -35.38 1.48
N GLU C 191 -13.84 -35.38 1.76
CA GLU C 191 -14.49 -34.56 2.81
C GLU C 191 -13.69 -34.69 4.11
N GLN C 192 -13.27 -33.56 4.68
CA GLN C 192 -12.63 -33.50 6.02
C GLN C 192 -13.61 -34.00 7.09
N SER C 193 -13.10 -34.73 8.05
CA SER C 193 -13.81 -35.15 9.27
C SER C 193 -12.82 -35.10 10.44
N ARG C 194 -13.20 -35.65 11.59
CA ARG C 194 -12.46 -35.45 12.86
C ARG C 194 -11.01 -35.88 12.65
N ARG C 195 -10.79 -37.04 12.01
CA ARG C 195 -9.42 -37.64 11.83
C ARG C 195 -8.48 -36.61 11.19
N ASP C 196 -9.04 -35.68 10.40
CA ASP C 196 -8.26 -34.73 9.56
C ASP C 196 -7.74 -33.57 10.42
N ASP C 197 -8.56 -33.04 11.30
CA ASP C 197 -8.13 -32.03 12.29
C ASP C 197 -6.94 -32.60 13.04
N LEU C 198 -6.99 -33.87 13.42
CA LEU C 198 -5.96 -34.52 14.26
C LEU C 198 -4.72 -34.82 13.42
N GLU C 199 -4.86 -35.18 12.14
CA GLU C 199 -3.68 -35.43 11.28
C GLU C 199 -2.88 -34.13 11.20
N SER C 200 -3.59 -33.04 10.92
CA SER C 200 -3.03 -31.67 10.77
C SER C 200 -2.25 -31.29 12.03
N LEU C 201 -2.86 -31.45 13.20
CA LEU C 201 -2.16 -31.22 14.48
C LEU C 201 -0.83 -31.97 14.46
N GLY C 202 -0.86 -33.20 13.94
CA GLY C 202 0.31 -34.08 13.85
C GLY C 202 1.44 -33.47 13.04
N TYR C 203 1.11 -32.84 11.90
CA TYR C 203 2.06 -32.14 11.01
C TYR C 203 2.53 -30.86 11.68
N VAL C 204 1.66 -30.24 12.46
CA VAL C 204 1.99 -29.01 13.21
C VAL C 204 3.04 -29.33 14.30
N LEU C 205 2.90 -30.46 14.97
CA LEU C 205 3.84 -30.86 16.05
C LEU C 205 5.23 -31.19 15.47
N MET C 206 5.27 -31.86 14.31
CA MET C 206 6.54 -32.27 13.68
C MET C 206 7.23 -31.03 13.08
N TYR C 207 6.46 -30.07 12.58
CA TYR C 207 6.92 -28.72 12.19
C TYR C 207 7.62 -28.05 13.37
N PHE C 208 7.01 -28.07 14.55
CA PHE C 208 7.58 -27.52 15.81
C PHE C 208 8.89 -28.22 16.13
N ASN C 209 8.95 -29.54 15.92
CA ASN C 209 10.14 -30.38 16.22
C ASN C 209 11.28 -30.06 15.22
N LEU C 210 10.98 -29.91 13.93
CA LEU C 210 11.97 -29.96 12.82
C LEU C 210 12.47 -28.54 12.46
N GLY C 211 11.65 -27.51 12.75
CA GLY C 211 11.86 -26.14 12.27
C GLY C 211 11.21 -25.91 10.92
N SER C 212 10.93 -26.98 10.18
CA SER C 212 10.17 -26.96 8.91
C SER C 212 9.68 -28.36 8.58
N LEU C 213 8.90 -28.49 7.51
CA LEU C 213 8.41 -29.79 7.02
C LEU C 213 9.03 -30.05 5.64
N PRO C 214 9.23 -31.34 5.25
CA PRO C 214 9.92 -31.67 4.01
C PRO C 214 9.22 -31.13 2.76
N TRP C 215 7.93 -30.83 2.85
CA TRP C 215 7.07 -30.41 1.71
C TRP C 215 6.90 -28.90 1.74
N GLN C 216 7.70 -28.23 2.56
CA GLN C 216 7.69 -26.77 2.77
C GLN C 216 8.58 -26.10 1.73
N GLY C 217 8.08 -25.04 1.08
CA GLY C 217 8.86 -24.16 0.19
C GLY C 217 9.13 -24.80 -1.15
N LEU C 218 8.16 -25.53 -1.70
CA LEU C 218 8.25 -26.21 -3.03
C LEU C 218 7.84 -25.20 -4.11
N LYS C 219 8.71 -24.99 -5.10
CA LYS C 219 8.53 -24.00 -6.19
C LYS C 219 7.62 -24.61 -7.26
N ALA C 220 6.76 -23.78 -7.87
CA ALA C 220 5.85 -24.18 -8.96
C ALA C 220 5.18 -22.93 -9.55
N ALA C 221 4.61 -23.08 -10.75
CA ALA C 221 4.00 -21.99 -11.56
C ALA C 221 2.78 -21.41 -10.83
N THR C 222 1.80 -22.27 -10.50
CA THR C 222 0.45 -21.89 -10.00
C THR C 222 0.29 -22.39 -8.55
N LYS C 223 -0.77 -21.93 -7.87
CA LYS C 223 -1.26 -22.49 -6.59
C LYS C 223 -1.62 -23.96 -6.81
N ARG C 224 -2.35 -24.26 -7.89
CA ARG C 224 -2.86 -25.61 -8.22
C ARG C 224 -1.68 -26.59 -8.27
N GLN C 225 -0.61 -26.20 -8.97
CA GLN C 225 0.59 -27.05 -9.18
C GLN C 225 1.27 -27.29 -7.83
N LYS C 226 1.41 -26.24 -7.01
CA LYS C 226 2.12 -26.29 -5.70
C LYS C 226 1.43 -27.28 -4.77
N TYR C 227 0.09 -27.27 -4.74
CA TYR C 227 -0.74 -28.19 -3.92
C TYR C 227 -0.42 -29.64 -4.30
N GLU C 228 -0.38 -29.92 -5.59
CA GLU C 228 -0.11 -31.29 -6.11
C GLU C 228 1.31 -31.70 -5.74
N ARG C 229 2.27 -30.77 -5.82
CA ARG C 229 3.69 -31.00 -5.44
C ARG C 229 3.78 -31.29 -3.93
N ILE C 230 2.94 -30.66 -3.12
CA ILE C 230 2.92 -30.87 -1.64
C ILE C 230 2.32 -32.24 -1.35
N SER C 231 1.20 -32.55 -1.99
CA SER C 231 0.50 -33.85 -1.93
C SER C 231 1.50 -34.97 -2.27
N GLU C 232 2.23 -34.80 -3.36
CA GLU C 232 3.16 -35.81 -3.93
C GLU C 232 4.28 -36.06 -2.94
N LYS C 233 4.79 -35.00 -2.33
CA LYS C 233 5.88 -35.05 -1.31
C LYS C 233 5.35 -35.71 -0.01
N LYS C 234 4.13 -35.38 0.40
CA LYS C 234 3.51 -35.93 1.62
C LYS C 234 3.36 -37.44 1.46
N MET C 235 2.90 -37.86 0.29
CA MET C 235 2.50 -39.27 0.05
C MET C 235 3.74 -40.13 -0.22
N SER C 236 4.86 -39.51 -0.57
CA SER C 236 6.15 -40.20 -0.87
C SER C 236 7.16 -40.03 0.27
N THR C 237 6.75 -39.40 1.37
CA THR C 237 7.55 -39.31 2.63
C THR C 237 6.95 -40.24 3.67
N PRO C 238 7.54 -41.42 3.91
CA PRO C 238 7.04 -42.30 4.96
C PRO C 238 7.05 -41.57 6.31
N ILE C 239 6.11 -41.92 7.19
CA ILE C 239 5.94 -41.28 8.53
C ILE C 239 7.22 -41.48 9.36
N GLU C 240 7.91 -42.60 9.21
CA GLU C 240 9.10 -42.90 10.04
C GLU C 240 10.31 -42.14 9.52
N VAL C 241 10.24 -41.60 8.31
CA VAL C 241 11.31 -40.74 7.71
C VAL C 241 11.07 -39.30 8.18
N LEU C 242 9.83 -38.81 8.10
CA LEU C 242 9.42 -37.48 8.59
C LEU C 242 9.91 -37.33 10.03
N CYS C 243 9.67 -38.34 10.86
CA CYS C 243 9.80 -38.30 12.34
C CYS C 243 11.17 -38.86 12.80
N LYS C 244 12.07 -39.25 11.87
CA LYS C 244 13.35 -39.88 12.28
C LYS C 244 14.05 -38.99 13.29
N GLY C 245 14.52 -39.56 14.41
CA GLY C 245 15.36 -38.86 15.40
C GLY C 245 14.54 -38.27 16.51
N TYR C 246 13.23 -38.18 16.32
CA TYR C 246 12.28 -37.66 17.33
C TYR C 246 11.60 -38.84 17.98
N PRO C 247 11.07 -38.69 19.22
CA PRO C 247 10.48 -39.83 19.91
C PRO C 247 9.39 -40.52 19.06
N SER C 248 9.29 -41.84 19.20
CA SER C 248 8.36 -42.72 18.43
C SER C 248 6.91 -42.19 18.53
N GLU C 249 6.60 -41.46 19.60
CA GLU C 249 5.22 -41.00 19.90
C GLU C 249 4.65 -40.18 18.75
N PHE C 250 5.48 -39.39 18.08
CA PHE C 250 5.05 -38.46 17.00
C PHE C 250 4.59 -39.27 15.80
N ALA C 251 5.37 -40.32 15.49
CA ALA C 251 5.09 -41.32 14.42
C ALA C 251 3.85 -42.12 14.78
N THR C 252 3.74 -42.58 16.03
CA THR C 252 2.63 -43.43 16.52
C THR C 252 1.32 -42.65 16.35
N TYR C 253 1.36 -41.36 16.70
CA TYR C 253 0.22 -40.39 16.60
C TYR C 253 -0.26 -40.28 15.13
N LEU C 254 0.65 -39.97 14.21
CA LEU C 254 0.35 -39.79 12.77
C LEU C 254 -0.15 -41.11 12.16
N ASN C 255 0.43 -42.22 12.56
CA ASN C 255 0.01 -43.57 12.10
C ASN C 255 -1.44 -43.82 12.56
N PHE C 256 -1.76 -43.44 13.79
CA PHE C 256 -3.10 -43.65 14.39
C PHE C 256 -4.13 -42.81 13.63
N CYS C 257 -3.77 -41.58 13.27
CA CYS C 257 -4.64 -40.63 12.51
C CYS C 257 -4.89 -41.14 11.09
N ARG C 258 -3.84 -41.65 10.42
CA ARG C 258 -3.91 -42.17 9.04
C ARG C 258 -4.72 -43.50 9.01
N SER C 259 -4.92 -44.12 10.18
CA SER C 259 -5.68 -45.39 10.35
C SER C 259 -7.18 -45.14 10.59
N LEU C 260 -7.56 -43.94 10.99
CA LEU C 260 -8.95 -43.62 11.42
C LEU C 260 -9.87 -43.68 10.20
N ARG C 261 -11.02 -44.30 10.37
CA ARG C 261 -12.11 -44.31 9.35
C ARG C 261 -12.76 -42.93 9.31
N PHE C 262 -13.37 -42.59 8.18
CA PHE C 262 -14.00 -41.28 7.89
C PHE C 262 -14.89 -40.85 9.07
N ASP C 263 -15.68 -41.76 9.63
CA ASP C 263 -16.72 -41.41 10.64
C ASP C 263 -16.32 -41.93 12.02
N ASP C 264 -15.08 -42.36 12.20
CA ASP C 264 -14.55 -42.80 13.52
C ASP C 264 -14.51 -41.60 14.48
N LYS C 265 -14.99 -41.81 15.71
CA LYS C 265 -14.66 -40.96 16.87
C LYS C 265 -13.25 -41.31 17.34
N PRO C 266 -12.28 -40.36 17.26
CA PRO C 266 -10.92 -40.61 17.68
C PRO C 266 -10.82 -40.83 19.19
N ASP C 267 -9.82 -41.60 19.60
CA ASP C 267 -9.49 -41.82 21.02
C ASP C 267 -8.55 -40.68 21.47
N TYR C 268 -9.09 -39.46 21.62
CA TYR C 268 -8.36 -38.27 22.09
C TYR C 268 -7.61 -38.62 23.37
N SER C 269 -8.25 -39.38 24.25
CA SER C 269 -7.67 -39.84 25.53
C SER C 269 -6.34 -40.58 25.27
N TYR C 270 -6.37 -41.58 24.40
CA TYR C 270 -5.22 -42.41 24.04
C TYR C 270 -4.08 -41.49 23.58
N LEU C 271 -4.39 -40.53 22.71
CA LEU C 271 -3.40 -39.67 22.01
C LEU C 271 -2.75 -38.74 23.04
N ARG C 272 -3.55 -38.18 23.94
CA ARG C 272 -3.04 -37.35 25.04
C ARG C 272 -2.12 -38.22 25.89
N GLN C 273 -2.55 -39.45 26.21
CA GLN C 273 -1.83 -40.39 27.11
C GLN C 273 -0.53 -40.83 26.45
N LEU C 274 -0.48 -40.79 25.15
CA LEU C 274 0.72 -41.05 24.33
C LEU C 274 1.83 -40.08 24.75
N PHE C 275 1.53 -38.78 24.72
CA PHE C 275 2.48 -37.68 24.97
C PHE C 275 2.68 -37.49 26.46
N ARG C 276 1.67 -37.81 27.24
CA ARG C 276 1.73 -37.77 28.73
C ARG C 276 2.75 -38.79 29.22
N ASN C 277 2.68 -40.04 28.72
CA ASN C 277 3.62 -41.12 29.09
C ASN C 277 5.06 -40.66 28.75
N LEU C 278 5.26 -40.06 27.58
CA LEU C 278 6.60 -39.60 27.10
C LEU C 278 7.06 -38.43 27.99
N PHE C 279 6.17 -37.51 28.28
CA PHE C 279 6.39 -36.40 29.24
C PHE C 279 6.99 -36.98 30.53
N HIS C 280 6.41 -38.07 31.03
CA HIS C 280 6.79 -38.65 32.35
CA HIS C 280 6.78 -38.69 32.34
C HIS C 280 8.14 -39.39 32.23
N ARG C 281 8.37 -40.13 31.14
CA ARG C 281 9.67 -40.77 30.83
C ARG C 281 10.78 -39.71 30.80
N GLN C 282 10.50 -38.54 30.24
CA GLN C 282 11.49 -37.47 30.00
C GLN C 282 11.78 -36.73 31.31
N GLY C 283 10.97 -36.99 32.35
CA GLY C 283 11.17 -36.41 33.69
C GLY C 283 10.79 -34.94 33.77
N PHE C 284 10.01 -34.44 32.81
CA PHE C 284 9.52 -33.04 32.79
C PHE C 284 8.44 -32.87 33.86
N SER C 285 8.28 -31.66 34.38
CA SER C 285 7.13 -31.27 35.26
C SER C 285 6.13 -30.40 34.49
N TYR C 286 4.83 -30.64 34.70
CA TYR C 286 3.69 -29.88 34.08
C TYR C 286 3.52 -28.56 34.83
N ASP C 287 4.40 -27.59 34.55
CA ASP C 287 4.50 -26.28 35.27
C ASP C 287 4.26 -25.14 34.29
N TYR C 288 3.92 -25.45 33.04
CA TYR C 288 3.52 -24.48 31.99
C TYR C 288 4.65 -23.47 31.72
N VAL C 289 5.89 -23.89 31.89
CA VAL C 289 7.07 -23.07 31.52
C VAL C 289 7.47 -23.47 30.11
N PHE C 290 6.94 -22.74 29.12
CA PHE C 290 7.29 -22.85 27.68
C PHE C 290 8.62 -22.10 27.43
N ASP C 291 9.26 -22.33 26.28
CA ASP C 291 10.63 -21.79 25.97
C ASP C 291 10.62 -20.26 26.00
N TRP C 292 9.57 -19.64 25.49
CA TRP C 292 9.43 -18.17 25.44
C TRP C 292 9.33 -17.59 26.87
N ASN C 293 8.84 -18.38 27.83
CA ASN C 293 8.81 -18.01 29.29
C ASN C 293 10.22 -17.87 29.88
N MET C 294 11.23 -18.41 29.22
CA MET C 294 12.61 -18.50 29.76
C MET C 294 13.45 -17.34 29.21
N LEU C 295 12.96 -16.68 28.16
CA LEU C 295 13.59 -15.48 27.56
C LEU C 295 13.79 -14.39 28.64
N LYS C 296 14.81 -13.56 28.46
CA LYS C 296 15.26 -12.52 29.43
C LYS C 296 15.86 -11.33 28.66
N LEU D 5 9.32 -6.99 14.92
CA LEU D 5 10.77 -6.94 15.29
C LEU D 5 10.95 -7.33 16.78
N ARG D 6 11.96 -8.16 17.06
CA ARG D 6 12.50 -8.41 18.42
C ARG D 6 13.03 -7.08 19.01
N VAL D 7 12.98 -6.95 20.34
CA VAL D 7 13.48 -5.78 21.11
C VAL D 7 13.79 -6.27 22.53
N GLY D 8 15.04 -6.09 22.98
CA GLY D 8 15.49 -6.48 24.33
C GLY D 8 15.29 -7.97 24.60
N ASN D 9 15.20 -8.78 23.53
CA ASN D 9 15.29 -10.27 23.54
C ASN D 9 13.96 -10.89 23.98
N ARG D 10 13.03 -10.13 24.56
CA ARG D 10 11.80 -10.67 25.18
C ARG D 10 10.59 -9.78 24.86
N TYR D 11 10.77 -8.70 24.10
CA TYR D 11 9.67 -7.78 23.69
C TYR D 11 9.51 -7.84 22.18
N ARG D 12 8.27 -8.03 21.75
CA ARG D 12 7.83 -8.03 20.33
C ARG D 12 7.09 -6.72 20.10
N LEU D 13 7.50 -5.97 19.10
CA LEU D 13 7.03 -4.60 18.86
C LEU D 13 5.80 -4.65 17.96
N GLY D 14 4.66 -4.13 18.43
CA GLY D 14 3.40 -4.15 17.69
C GLY D 14 3.29 -2.95 16.75
N ARG D 15 2.09 -2.40 16.60
CA ARG D 15 1.81 -1.29 15.68
C ARG D 15 1.89 0.06 16.43
N LYS D 16 2.25 1.12 15.72
CA LYS D 16 2.30 2.51 16.22
C LYS D 16 0.90 2.94 16.67
N ILE D 17 0.73 3.25 17.97
CA ILE D 17 -0.59 3.64 18.59
C ILE D 17 -0.62 5.16 18.77
N GLY D 18 0.52 5.82 18.64
CA GLY D 18 0.59 7.28 18.72
C GLY D 18 2.01 7.80 18.86
N SER D 19 2.14 8.97 19.47
CA SER D 19 3.32 9.84 19.37
C SER D 19 3.50 10.62 20.68
N GLY D 20 4.73 10.79 21.14
CA GLY D 20 5.05 11.50 22.39
C GLY D 20 5.36 12.99 22.15
N SER D 21 5.89 13.66 23.17
CA SER D 21 6.60 14.99 23.09
C SER D 21 7.81 14.88 22.14
N PHE D 22 8.50 13.75 22.21
CA PHE D 22 9.53 13.28 21.24
C PHE D 22 9.35 11.76 21.09
N GLY D 23 9.64 11.20 19.91
CA GLY D 23 9.59 9.75 19.66
C GLY D 23 8.18 9.24 19.43
N ASP D 24 8.06 8.00 18.94
CA ASP D 24 6.76 7.36 18.61
C ASP D 24 6.48 6.23 19.62
N ILE D 25 5.20 5.95 19.85
CA ILE D 25 4.74 4.92 20.83
C ILE D 25 4.16 3.72 20.08
N TYR D 26 4.61 2.53 20.45
CA TYR D 26 4.15 1.24 19.86
C TYR D 26 3.56 0.40 20.97
N LEU D 27 2.63 -0.48 20.60
CA LEU D 27 1.95 -1.41 21.49
C LEU D 27 2.52 -2.81 21.24
N GLY D 28 3.41 -3.24 22.10
CA GLY D 28 4.19 -4.47 21.95
C GLY D 28 3.71 -5.51 22.92
N THR D 29 4.48 -6.58 23.08
CA THR D 29 4.16 -7.73 23.94
C THR D 29 5.43 -8.15 24.66
N ASP D 30 5.34 -8.31 25.97
CA ASP D 30 6.33 -9.04 26.79
C ASP D 30 6.09 -10.54 26.58
N ILE D 31 6.75 -11.12 25.58
CA ILE D 31 6.57 -12.53 25.15
C ILE D 31 6.70 -13.44 26.36
N ALA D 32 7.66 -13.14 27.24
CA ALA D 32 8.10 -14.00 28.35
C ALA D 32 7.04 -14.04 29.46
N ALA D 33 6.39 -12.92 29.74
CA ALA D 33 5.45 -12.75 30.89
C ALA D 33 3.99 -12.76 30.39
N GLY D 34 3.79 -12.83 29.07
CA GLY D 34 2.47 -12.69 28.40
C GLY D 34 1.70 -11.45 28.82
N GLU D 35 2.33 -10.26 28.79
CA GLU D 35 1.68 -8.94 29.07
C GLU D 35 1.90 -8.02 27.87
N GLU D 36 0.87 -7.27 27.48
CA GLU D 36 0.99 -6.15 26.51
C GLU D 36 1.73 -5.01 27.19
N VAL D 37 2.58 -4.30 26.45
CA VAL D 37 3.48 -3.22 26.94
C VAL D 37 3.41 -2.05 25.95
N ALA D 38 3.94 -0.90 26.34
CA ALA D 38 4.15 0.27 25.46
C ALA D 38 5.64 0.49 25.25
N ILE D 39 6.06 0.75 24.02
CA ILE D 39 7.50 0.89 23.63
C ILE D 39 7.70 2.23 22.94
N LYS D 40 8.53 3.09 23.51
CA LYS D 40 8.94 4.36 22.91
C LYS D 40 10.23 4.15 22.16
N LEU D 41 10.21 4.43 20.85
CA LEU D 41 11.39 4.37 19.97
C LEU D 41 11.83 5.79 19.67
N GLU D 42 13.14 6.03 19.75
CA GLU D 42 13.81 7.27 19.28
C GLU D 42 15.01 6.88 18.43
N CYS D 43 15.11 7.41 17.21
CA CYS D 43 16.25 7.21 16.27
C CYS D 43 17.55 7.57 17.01
N VAL D 44 18.53 6.66 16.98
CA VAL D 44 19.88 6.86 17.60
C VAL D 44 20.57 8.08 16.96
N LYS D 45 20.31 8.34 15.68
CA LYS D 45 21.03 9.36 14.87
C LYS D 45 20.28 10.70 14.94
N THR D 46 19.31 10.84 15.84
CA THR D 46 18.46 12.06 15.99
C THR D 46 19.33 13.22 16.52
N LYS D 47 19.02 14.44 16.08
CA LYS D 47 19.80 15.67 16.40
C LYS D 47 19.54 16.09 17.84
N HIS D 48 18.31 15.86 18.35
CA HIS D 48 17.85 16.28 19.70
C HIS D 48 17.54 15.03 20.54
N PRO D 49 18.58 14.31 21.07
CA PRO D 49 18.36 13.07 21.81
C PRO D 49 17.83 13.36 23.22
N GLN D 50 16.83 12.59 23.69
CA GLN D 50 16.05 12.88 24.93
C GLN D 50 15.76 11.59 25.72
N LEU D 51 15.38 10.52 25.01
CA LEU D 51 14.80 9.28 25.61
C LEU D 51 15.61 8.89 26.85
N HIS D 52 16.93 8.92 26.77
CA HIS D 52 17.84 8.49 27.85
C HIS D 52 17.71 9.46 29.01
N ILE D 53 17.59 10.76 28.70
CA ILE D 53 17.32 11.83 29.69
C ILE D 53 15.95 11.57 30.35
N GLU D 54 14.92 11.34 29.55
CA GLU D 54 13.54 11.03 30.03
C GLU D 54 13.60 9.79 30.94
N SER D 55 14.23 8.71 30.47
CA SER D 55 14.37 7.41 31.18
C SER D 55 14.79 7.64 32.63
N LYS D 56 15.81 8.48 32.82
CA LYS D 56 16.43 8.76 34.15
C LYS D 56 15.39 9.44 35.06
N ILE D 57 14.49 10.24 34.48
CA ILE D 57 13.39 10.92 35.23
C ILE D 57 12.33 9.89 35.63
N TYR D 58 11.92 9.01 34.71
CA TYR D 58 10.95 7.92 34.98
C TYR D 58 11.51 6.99 36.07
N LYS D 59 12.85 6.79 36.09
CA LYS D 59 13.54 5.90 37.05
C LYS D 59 13.46 6.49 38.48
N MET D 60 13.55 7.82 38.62
CA MET D 60 13.46 8.54 39.91
C MET D 60 12.02 8.47 40.45
N MET D 61 11.01 8.39 39.54
CA MET D 61 9.56 8.43 39.89
C MET D 61 9.06 7.03 40.26
N GLN D 62 9.83 5.98 39.97
CA GLN D 62 9.39 4.57 40.14
C GLN D 62 8.83 4.37 41.54
N GLY D 63 7.75 3.58 41.67
CA GLY D 63 7.15 3.22 42.96
C GLY D 63 6.10 4.22 43.39
N GLY D 64 6.07 5.42 42.78
CA GLY D 64 4.98 6.39 42.96
C GLY D 64 3.64 5.81 42.47
N VAL D 65 2.57 5.96 43.25
CA VAL D 65 1.17 5.84 42.77
C VAL D 65 1.01 6.67 41.48
N GLY D 66 0.59 6.05 40.38
CA GLY D 66 0.18 6.74 39.14
C GLY D 66 1.36 7.07 38.25
N ILE D 67 2.51 6.45 38.50
CA ILE D 67 3.71 6.50 37.63
C ILE D 67 3.85 5.15 36.95
N PRO D 68 3.84 5.10 35.60
CA PRO D 68 4.01 3.84 34.88
C PRO D 68 5.38 3.22 35.21
N THR D 69 5.42 1.90 35.38
CA THR D 69 6.66 1.11 35.62
C THR D 69 7.43 0.97 34.31
N ILE D 70 8.72 1.31 34.31
CA ILE D 70 9.70 0.94 33.24
C ILE D 70 9.93 -0.56 33.35
N ARG D 71 9.77 -1.29 32.25
CA ARG D 71 10.13 -2.72 32.13
C ARG D 71 11.60 -2.85 31.70
N TRP D 72 12.06 -1.97 30.79
CA TRP D 72 13.35 -2.11 30.07
C TRP D 72 13.72 -0.79 29.35
N CYS D 73 15.02 -0.46 29.32
CA CYS D 73 15.64 0.66 28.54
C CYS D 73 16.90 0.12 27.85
N GLY D 74 17.09 0.44 26.56
CA GLY D 74 18.18 -0.14 25.76
C GLY D 74 18.39 0.58 24.44
N ALA D 75 19.35 0.12 23.65
CA ALA D 75 19.56 0.49 22.24
C ALA D 75 19.47 -0.78 21.40
N GLU D 76 18.75 -0.73 20.28
CA GLU D 76 18.46 -1.89 19.42
C GLU D 76 18.31 -1.41 17.98
N GLY D 77 19.20 -1.86 17.09
CA GLY D 77 19.28 -1.38 15.71
C GLY D 77 19.44 0.12 15.69
N ASP D 78 18.49 0.82 15.07
CA ASP D 78 18.58 2.28 14.77
C ASP D 78 17.95 3.11 15.89
N TYR D 79 17.52 2.47 16.99
CA TYR D 79 16.55 3.03 17.97
C TYR D 79 17.11 2.90 19.40
N ASN D 80 17.01 3.98 20.17
CA ASN D 80 16.96 3.92 21.65
C ASN D 80 15.54 3.51 22.04
N VAL D 81 15.37 2.72 23.12
CA VAL D 81 14.11 2.00 23.44
C VAL D 81 13.80 2.15 24.92
N MET D 82 12.55 2.47 25.24
CA MET D 82 11.98 2.40 26.62
C MET D 82 10.74 1.52 26.59
N VAL D 83 10.63 0.56 27.48
CA VAL D 83 9.44 -0.34 27.58
C VAL D 83 8.75 -0.09 28.91
N MET D 84 7.47 0.28 28.86
CA MET D 84 6.62 0.60 30.01
C MET D 84 5.50 -0.43 30.09
N GLU D 85 4.95 -0.67 31.28
CA GLU D 85 3.65 -1.35 31.43
C GLU D 85 2.63 -0.60 30.58
N LEU D 86 1.75 -1.33 29.90
CA LEU D 86 0.71 -0.74 29.04
C LEU D 86 -0.32 0.00 29.90
N LEU D 87 -0.68 1.21 29.51
CA LEU D 87 -1.76 2.00 30.15
C LEU D 87 -2.92 2.14 29.17
N GLY D 88 -4.03 2.67 29.65
CA GLY D 88 -5.28 2.81 28.87
C GLY D 88 -5.37 4.14 28.15
N PRO D 89 -6.58 4.52 27.69
CA PRO D 89 -6.79 5.79 27.00
C PRO D 89 -6.44 7.01 27.85
N SER D 90 -6.09 8.09 27.17
CA SER D 90 -5.82 9.41 27.75
C SER D 90 -7.15 10.04 28.15
N LEU D 91 -7.12 11.09 28.96
CA LEU D 91 -8.33 11.84 29.39
C LEU D 91 -8.87 12.64 28.19
N GLU D 92 -8.00 12.98 27.23
CA GLU D 92 -8.42 13.65 25.98
C GLU D 92 -9.25 12.66 25.16
N ASP D 93 -8.80 11.41 25.06
CA ASP D 93 -9.49 10.35 24.28
C ASP D 93 -10.81 10.00 24.98
N LEU D 94 -10.80 9.77 26.28
CA LEU D 94 -12.02 9.45 27.07
C LEU D 94 -13.01 10.63 26.95
N PHE D 95 -12.51 11.86 26.99
CA PHE D 95 -13.31 13.11 26.88
C PHE D 95 -13.97 13.19 25.49
N ASN D 96 -13.20 12.95 24.42
CA ASN D 96 -13.72 12.89 23.02
C ASN D 96 -14.79 11.82 22.95
N PHE D 97 -14.53 10.70 23.58
CA PHE D 97 -15.38 9.49 23.54
C PHE D 97 -16.67 9.74 24.33
N CYS D 98 -16.67 10.72 25.23
CA CYS D 98 -17.83 11.09 26.06
C CYS D 98 -18.48 12.35 25.50
N SER D 99 -18.15 12.71 24.26
CA SER D 99 -18.72 13.85 23.52
C SER D 99 -18.36 15.14 24.23
N ARG D 100 -17.15 15.18 24.80
CA ARG D 100 -16.53 16.39 25.39
C ARG D 100 -17.49 16.93 26.46
N LYS D 101 -18.03 16.02 27.26
CA LYS D 101 -18.91 16.31 28.41
C LYS D 101 -18.59 15.34 29.56
N PHE D 102 -17.98 15.84 30.63
CA PHE D 102 -17.78 15.11 31.91
C PHE D 102 -18.75 15.67 32.96
N SER D 103 -19.43 14.76 33.67
CA SER D 103 -20.21 15.06 34.89
C SER D 103 -19.29 15.69 35.95
N LEU D 104 -19.86 16.47 36.84
CA LEU D 104 -19.13 17.08 37.98
C LEU D 104 -18.40 15.97 38.74
N LYS D 105 -19.04 14.80 38.89
CA LYS D 105 -18.48 13.68 39.68
C LYS D 105 -17.16 13.18 39.06
N THR D 106 -17.13 12.99 37.75
CA THR D 106 -15.92 12.54 37.01
C THR D 106 -14.81 13.59 37.16
N VAL D 107 -15.15 14.85 37.02
CA VAL D 107 -14.18 15.97 37.08
C VAL D 107 -13.55 15.98 38.48
N LEU D 108 -14.35 15.81 39.53
CA LEU D 108 -13.91 15.82 40.94
C LEU D 108 -13.09 14.57 41.27
N LEU D 109 -13.47 13.38 40.75
CA LEU D 109 -12.68 12.13 40.88
C LEU D 109 -11.30 12.34 40.26
N LEU D 110 -11.25 12.90 39.05
CA LEU D 110 -10.01 13.13 38.27
C LEU D 110 -9.13 14.17 38.98
N ALA D 111 -9.71 15.31 39.36
CA ALA D 111 -9.03 16.44 40.01
C ALA D 111 -8.28 15.95 41.27
N ASP D 112 -8.92 15.08 42.05
CA ASP D 112 -8.37 14.60 43.35
C ASP D 112 -7.06 13.84 43.10
N GLN D 113 -7.05 12.95 42.11
CA GLN D 113 -5.89 12.13 41.73
C GLN D 113 -4.81 12.99 41.05
N MET D 114 -5.22 13.86 40.11
CA MET D 114 -4.33 14.67 39.26
C MET D 114 -3.50 15.64 40.12
N ILE D 115 -4.13 16.32 41.08
CA ILE D 115 -3.40 17.15 42.10
C ILE D 115 -2.35 16.27 42.75
N SER D 116 -2.69 15.04 43.10
CA SER D 116 -1.80 14.07 43.82
C SER D 116 -0.62 13.64 42.93
N ARG D 117 -0.83 13.44 41.63
CA ARG D 117 0.24 13.09 40.66
C ARG D 117 1.24 14.24 40.57
N ILE D 118 0.71 15.45 40.39
CA ILE D 118 1.51 16.68 40.26
C ILE D 118 2.31 16.88 41.54
N GLU D 119 1.72 16.58 42.68
CA GLU D 119 2.37 16.71 44.01
C GLU D 119 3.50 15.69 44.15
N TYR D 120 3.32 14.48 43.65
CA TYR D 120 4.36 13.42 43.71
C TYR D 120 5.58 13.89 42.90
N ILE D 121 5.33 14.41 41.69
CA ILE D 121 6.39 14.88 40.75
C ILE D 121 7.17 16.03 41.39
N HIS D 122 6.48 16.97 42.03
CA HIS D 122 7.09 18.12 42.73
C HIS D 122 7.95 17.61 43.88
N SER D 123 7.53 16.52 44.53
CA SER D 123 8.23 15.88 45.67
C SER D 123 9.57 15.27 45.20
N LYS D 124 9.70 14.99 43.91
CA LYS D 124 10.94 14.42 43.31
C LYS D 124 11.73 15.52 42.59
N ASN D 125 11.42 16.80 42.86
CA ASN D 125 12.27 17.95 42.47
C ASN D 125 12.06 18.31 41.00
N PHE D 126 10.99 17.86 40.37
CA PHE D 126 10.68 18.16 38.95
C PHE D 126 9.38 18.95 38.86
N ILE D 127 9.27 19.81 37.87
CA ILE D 127 7.98 20.32 37.34
C ILE D 127 7.76 19.67 35.98
N HIS D 128 6.51 19.42 35.63
CA HIS D 128 6.10 18.73 34.39
C HIS D 128 6.15 19.71 33.20
N ARG D 129 5.32 20.78 33.25
CA ARG D 129 5.35 21.98 32.36
C ARG D 129 4.55 21.71 31.06
N ASP D 130 3.82 20.60 31.03
CA ASP D 130 2.93 20.20 29.92
C ASP D 130 1.77 19.39 30.50
N VAL D 131 1.22 19.87 31.60
CA VAL D 131 -0.06 19.39 32.18
C VAL D 131 -1.18 19.67 31.17
N LYS D 132 -1.76 18.59 30.65
CA LYS D 132 -2.80 18.63 29.61
C LYS D 132 -3.42 17.24 29.54
N PRO D 133 -4.68 17.13 29.06
CA PRO D 133 -5.41 15.87 29.14
C PRO D 133 -4.67 14.67 28.52
N ASP D 134 -3.75 14.92 27.59
CA ASP D 134 -3.10 13.85 26.78
C ASP D 134 -2.03 13.15 27.60
N ASN D 135 -1.58 13.77 28.69
CA ASN D 135 -0.42 13.30 29.49
C ASN D 135 -0.95 12.69 30.79
N PHE D 136 -2.27 12.47 30.88
CA PHE D 136 -2.91 11.64 31.93
C PHE D 136 -3.62 10.49 31.27
N LEU D 137 -3.18 9.27 31.58
CA LEU D 137 -3.76 8.03 31.05
C LEU D 137 -4.43 7.30 32.20
N MET D 138 -5.56 6.64 31.95
CA MET D 138 -6.14 5.66 32.90
C MET D 138 -5.38 4.34 32.76
N GLY D 139 -5.23 3.61 33.85
CA GLY D 139 -4.80 2.20 33.82
C GLY D 139 -5.82 1.31 33.13
N LEU D 140 -5.43 0.07 32.86
CA LEU D 140 -6.32 -1.00 32.37
C LEU D 140 -6.59 -1.94 33.54
N GLY D 141 -7.64 -2.77 33.44
CA GLY D 141 -7.87 -3.90 34.35
C GLY D 141 -8.11 -3.43 35.77
N LYS D 142 -7.36 -3.95 36.75
CA LYS D 142 -7.53 -3.63 38.19
C LYS D 142 -7.02 -2.20 38.45
N LYS D 143 -6.24 -1.63 37.52
CA LYS D 143 -5.70 -0.25 37.63
C LYS D 143 -6.57 0.75 36.85
N GLY D 144 -7.79 0.35 36.49
CA GLY D 144 -8.72 1.14 35.64
C GLY D 144 -9.29 2.34 36.39
N ASN D 145 -9.08 2.41 37.70
CA ASN D 145 -9.54 3.52 38.58
C ASN D 145 -8.40 4.49 38.88
N LEU D 146 -7.19 4.20 38.41
CA LEU D 146 -6.00 5.06 38.60
C LEU D 146 -5.79 5.95 37.39
N VAL D 147 -5.68 7.25 37.63
CA VAL D 147 -5.09 8.26 36.71
C VAL D 147 -3.56 8.17 36.84
N TYR D 148 -2.88 7.90 35.71
CA TYR D 148 -1.39 7.94 35.58
C TYR D 148 -1.01 9.23 34.87
N ILE D 149 0.12 9.80 35.24
CA ILE D 149 0.76 10.94 34.51
C ILE D 149 1.97 10.38 33.77
N ILE D 150 2.23 10.90 32.58
CA ILE D 150 3.30 10.40 31.69
C ILE D 150 4.00 11.59 31.06
N ASP D 151 5.08 11.31 30.35
CA ASP D 151 5.76 12.24 29.41
C ASP D 151 6.51 13.31 30.19
N PHE D 152 7.80 13.10 30.38
CA PHE D 152 8.71 13.98 31.10
C PHE D 152 9.70 14.60 30.11
N GLY D 153 9.30 14.66 28.85
CA GLY D 153 10.11 15.25 27.77
C GLY D 153 10.36 16.73 27.98
N LEU D 154 9.38 17.46 28.57
CA LEU D 154 9.43 18.94 28.74
C LEU D 154 9.70 19.28 30.20
N ALA D 155 9.90 18.28 31.05
CA ALA D 155 10.03 18.42 32.53
C ALA D 155 11.39 19.01 32.86
N LYS D 156 11.59 19.41 34.09
CA LYS D 156 12.83 20.13 34.51
C LYS D 156 12.91 20.18 36.03
N LYS D 157 14.13 20.07 36.60
CA LYS D 157 14.37 20.27 38.05
C LYS D 157 14.09 21.74 38.39
N TYR D 158 13.38 21.98 39.49
CA TYR D 158 13.08 23.33 40.00
C TYR D 158 13.88 23.55 41.27
N ARG D 159 14.19 22.49 42.01
CA ARG D 159 15.11 22.56 43.17
C ARG D 159 16.20 21.51 42.99
N ASP D 160 17.41 21.85 43.45
CA ASP D 160 18.53 20.91 43.66
C ASP D 160 18.08 19.82 44.65
N ALA D 161 18.27 18.55 44.29
CA ALA D 161 17.84 17.38 45.10
C ALA D 161 18.36 17.55 46.54
N ARG D 162 19.66 17.84 46.68
CA ARG D 162 20.38 17.93 47.97
C ARG D 162 19.96 19.21 48.70
N THR D 163 20.28 20.39 48.13
CA THR D 163 20.23 21.71 48.84
C THR D 163 18.78 22.25 48.85
N HIS D 164 17.87 21.66 48.06
CA HIS D 164 16.47 22.15 47.86
C HIS D 164 16.49 23.62 47.43
N GLN D 165 17.61 24.12 46.91
CA GLN D 165 17.70 25.47 46.27
C GLN D 165 16.73 25.49 45.09
N HIS D 166 15.67 26.30 45.18
CA HIS D 166 14.76 26.66 44.06
C HIS D 166 15.61 27.25 42.92
N ILE D 167 15.24 26.99 41.68
CA ILE D 167 15.85 27.65 40.48
C ILE D 167 15.60 29.15 40.61
N PRO D 168 16.41 30.01 39.95
CA PRO D 168 16.18 31.45 40.00
C PRO D 168 14.98 31.89 39.14
N TYR D 169 14.27 32.94 39.56
CA TYR D 169 13.32 33.75 38.74
C TYR D 169 14.02 34.17 37.45
N ARG D 170 13.51 33.75 36.31
CA ARG D 170 14.00 34.14 34.96
C ARG D 170 12.80 34.59 34.14
N GLU D 171 13.04 35.52 33.22
CA GLU D 171 12.02 36.11 32.31
C GLU D 171 12.40 35.75 30.86
N ASN D 172 11.64 36.30 29.89
CA ASN D 172 11.95 36.28 28.43
C ASN D 172 12.24 34.84 27.95
N LYS D 173 11.29 33.92 28.15
CA LYS D 173 11.49 32.46 27.94
C LYS D 173 10.39 31.93 27.00
N ASN D 174 10.78 31.27 25.89
CA ASN D 174 9.86 30.56 24.94
C ASN D 174 8.82 29.74 25.70
N LEU D 175 7.53 29.94 25.38
CA LEU D 175 6.42 29.07 25.83
C LEU D 175 6.70 27.67 25.29
N THR D 176 7.01 26.74 26.18
CA THR D 176 7.58 25.41 25.87
C THR D 176 6.44 24.37 25.73
N GLY D 177 5.42 24.43 26.62
CA GLY D 177 4.33 23.42 26.70
C GLY D 177 3.21 23.71 25.71
N THR D 178 1.95 23.50 26.13
CA THR D 178 0.74 23.66 25.29
C THR D 178 0.01 24.97 25.65
N ALA D 179 -0.13 25.87 24.67
CA ALA D 179 -0.59 27.27 24.83
C ALA D 179 -1.92 27.29 25.58
N ARG D 180 -2.80 26.37 25.26
CA ARG D 180 -4.20 26.37 25.74
C ARG D 180 -4.23 26.33 27.29
N TYR D 181 -3.34 25.56 27.91
CA TYR D 181 -3.40 25.25 29.35
C TYR D 181 -2.30 26.01 30.09
N ALA D 182 -1.50 26.81 29.37
CA ALA D 182 -0.36 27.57 29.93
C ALA D 182 -0.87 28.57 30.98
N SER D 183 -0.11 28.74 32.07
CA SER D 183 -0.37 29.75 33.12
C SER D 183 -0.22 31.15 32.54
N ILE D 184 -0.87 32.13 33.15
CA ILE D 184 -0.71 33.55 32.80
C ILE D 184 0.78 33.95 32.90
N ASN D 185 1.47 33.59 33.98
CA ASN D 185 2.94 33.87 34.12
C ASN D 185 3.68 33.31 32.90
N THR D 186 3.37 32.09 32.48
CA THR D 186 4.10 31.39 31.41
C THR D 186 4.03 32.24 30.15
N HIS D 187 2.85 32.78 29.85
CA HIS D 187 2.58 33.71 28.70
C HIS D 187 3.42 34.97 28.82
N LEU D 188 3.64 35.45 30.05
CA LEU D 188 4.46 36.67 30.30
C LEU D 188 5.93 36.33 30.14
N GLY D 189 6.26 35.04 29.96
CA GLY D 189 7.61 34.55 29.64
C GLY D 189 8.41 34.22 30.89
N ILE D 190 7.76 34.18 32.05
CA ILE D 190 8.39 33.85 33.36
C ILE D 190 8.64 32.34 33.44
N GLU D 191 9.79 31.96 34.00
CA GLU D 191 10.17 30.57 34.32
C GLU D 191 9.00 29.86 35.01
N GLN D 192 8.58 28.71 34.48
CA GLN D 192 7.57 27.81 35.12
C GLN D 192 8.12 27.30 36.46
N SER D 193 7.26 27.19 37.45
CA SER D 193 7.53 26.50 38.73
C SER D 193 6.25 25.77 39.16
N ARG D 194 6.22 25.28 40.39
CA ARG D 194 5.16 24.39 40.88
C ARG D 194 3.79 25.02 40.61
N ARG D 195 3.62 26.31 40.93
CA ARG D 195 2.30 27.02 40.85
C ARG D 195 1.74 26.87 39.42
N ASP D 196 2.61 26.73 38.43
CA ASP D 196 2.24 26.77 37.00
C ASP D 196 1.65 25.42 36.57
N ASP D 197 2.27 24.31 36.98
CA ASP D 197 1.70 22.95 36.83
C ASP D 197 0.25 22.98 37.35
N LEU D 198 0.03 23.57 38.52
CA LEU D 198 -1.28 23.58 39.21
C LEU D 198 -2.27 24.53 38.51
N GLU D 199 -1.81 25.66 37.99
CA GLU D 199 -2.72 26.61 37.26
C GLU D 199 -3.26 25.87 36.05
N SER D 200 -2.37 25.22 35.32
CA SER D 200 -2.67 24.43 34.10
C SER D 200 -3.72 23.37 34.41
N LEU D 201 -3.50 22.57 35.46
CA LEU D 201 -4.49 21.57 35.93
C LEU D 201 -5.84 22.27 36.05
N GLY D 202 -5.83 23.49 36.59
CA GLY D 202 -7.04 24.32 36.81
C GLY D 202 -7.78 24.61 35.53
N TYR D 203 -7.06 24.96 34.45
CA TYR D 203 -7.63 25.24 33.10
C TYR D 203 -8.08 23.91 32.48
N VAL D 204 -7.38 22.81 32.80
CA VAL D 204 -7.75 21.44 32.31
C VAL D 204 -9.10 21.06 32.91
N LEU D 205 -9.32 21.34 34.18
CA LEU D 205 -10.58 20.95 34.87
C LEU D 205 -11.74 21.80 34.32
N MET D 206 -11.52 23.08 34.02
CA MET D 206 -12.59 23.98 33.50
C MET D 206 -12.92 23.63 32.05
N TYR D 207 -11.92 23.19 31.29
CA TYR D 207 -12.04 22.57 29.94
C TYR D 207 -12.97 21.36 30.03
N PHE D 208 -12.72 20.47 31.00
CA PHE D 208 -13.56 19.28 31.26
C PHE D 208 -14.99 19.70 31.57
N ASN D 209 -15.16 20.80 32.31
CA ASN D 209 -16.48 21.32 32.74
C ASN D 209 -17.24 21.91 31.54
N LEU D 210 -16.55 22.66 30.67
CA LEU D 210 -17.18 23.57 29.66
C LEU D 210 -17.34 22.87 28.30
N GLY D 211 -16.53 21.84 28.02
CA GLY D 211 -16.39 21.23 26.68
C GLY D 211 -15.33 21.92 25.84
N SER D 212 -14.97 23.16 26.20
CA SER D 212 -13.87 23.93 25.59
C SER D 212 -13.50 25.11 26.50
N LEU D 213 -12.48 25.88 26.14
CA LEU D 213 -12.05 27.10 26.88
C LEU D 213 -12.27 28.32 25.99
N PRO D 214 -12.56 29.52 26.58
CA PRO D 214 -12.91 30.69 25.79
C PRO D 214 -11.79 31.13 24.81
N TRP D 215 -10.54 30.73 25.07
CA TRP D 215 -9.35 31.18 24.29
C TRP D 215 -8.98 30.10 23.27
N GLN D 216 -9.87 29.11 23.12
CA GLN D 216 -9.73 27.95 22.22
C GLN D 216 -10.25 28.35 20.84
N GLY D 217 -9.50 28.03 19.78
CA GLY D 217 -9.91 28.24 18.38
C GLY D 217 -9.78 29.70 17.97
N LEU D 218 -8.73 30.38 18.43
CA LEU D 218 -8.37 31.75 17.99
C LEU D 218 -7.49 31.67 16.74
N LYS D 219 -7.91 32.33 15.65
CA LYS D 219 -7.17 32.39 14.37
C LYS D 219 -6.10 33.48 14.47
N ALA D 220 -4.95 33.30 13.80
CA ALA D 220 -3.92 34.35 13.59
C ALA D 220 -2.91 33.89 12.52
N ALA D 221 -2.03 34.80 12.07
CA ALA D 221 -1.03 34.59 11.00
C ALA D 221 -0.01 33.53 11.43
N THR D 222 0.67 33.74 12.56
CA THR D 222 1.82 32.92 13.04
C THR D 222 1.44 32.20 14.34
N LYS D 223 2.27 31.25 14.79
CA LYS D 223 2.19 30.64 16.14
C LYS D 223 2.40 31.74 17.19
N ARG D 224 3.39 32.61 16.97
CA ARG D 224 3.76 33.70 17.90
C ARG D 224 2.54 34.58 18.16
N GLN D 225 1.83 34.98 17.11
CA GLN D 225 0.65 35.88 17.19
C GLN D 225 -0.46 35.17 17.96
N LYS D 226 -0.70 33.88 17.68
CA LYS D 226 -1.79 33.08 18.29
C LYS D 226 -1.59 33.01 19.81
N TYR D 227 -0.35 32.80 20.26
CA TYR D 227 0.04 32.75 21.69
C TYR D 227 -0.33 34.07 22.36
N GLU D 228 0.00 35.20 21.73
CA GLU D 228 -0.29 36.55 22.27
C GLU D 228 -1.82 36.74 22.35
N ARG D 229 -2.56 36.26 21.36
CA ARG D 229 -4.04 36.34 21.30
C ARG D 229 -4.64 35.48 22.42
N ILE D 230 -4.01 34.36 22.76
CA ILE D 230 -4.48 33.43 23.84
C ILE D 230 -4.21 34.11 25.18
N SER D 231 -3.00 34.62 25.37
CA SER D 231 -2.56 35.40 26.54
C SER D 231 -3.56 36.54 26.80
N GLU D 232 -3.90 37.29 25.75
CA GLU D 232 -4.75 38.51 25.81
C GLU D 232 -6.16 38.12 26.26
N LYS D 233 -6.67 37.01 25.74
CA LYS D 233 -8.01 36.46 26.10
C LYS D 233 -7.99 35.94 27.56
N LYS D 234 -6.91 35.25 27.96
CA LYS D 234 -6.77 34.67 29.31
C LYS D 234 -6.80 35.82 30.32
N MET D 235 -6.09 36.89 30.01
CA MET D 235 -5.80 37.97 30.98
C MET D 235 -7.01 38.92 31.05
N SER D 236 -7.88 38.90 30.04
CA SER D 236 -9.08 39.77 29.95
C SER D 236 -10.36 38.98 30.26
N THR D 237 -10.23 37.70 30.64
CA THR D 237 -11.34 36.84 31.13
C THR D 237 -11.18 36.68 32.65
N PRO D 238 -11.94 37.42 33.48
CA PRO D 238 -11.90 37.23 34.92
C PRO D 238 -12.20 35.77 35.27
N ILE D 239 -11.64 35.29 36.36
CA ILE D 239 -11.77 33.87 36.80
C ILE D 239 -13.24 33.59 37.14
N GLU D 240 -13.98 34.57 37.60
CA GLU D 240 -15.41 34.39 37.99
C GLU D 240 -16.31 34.33 36.73
N VAL D 241 -15.80 34.77 35.59
CA VAL D 241 -16.50 34.72 34.28
C VAL D 241 -16.21 33.36 33.65
N LEU D 242 -14.94 32.93 33.68
CA LEU D 242 -14.49 31.63 33.15
C LEU D 242 -15.37 30.55 33.79
N CYS D 243 -15.55 30.64 35.11
CA CYS D 243 -16.13 29.56 35.96
C CYS D 243 -17.61 29.81 36.22
N LYS D 244 -18.23 30.83 35.63
CA LYS D 244 -19.68 31.12 35.82
C LYS D 244 -20.47 29.85 35.52
N GLY D 245 -21.40 29.48 36.40
CA GLY D 245 -22.33 28.34 36.18
C GLY D 245 -21.78 27.04 36.71
N TYR D 246 -20.56 27.06 37.23
CA TYR D 246 -19.89 25.89 37.86
C TYR D 246 -19.62 26.19 39.32
N PRO D 247 -19.44 25.17 40.19
CA PRO D 247 -19.21 25.42 41.60
C PRO D 247 -18.03 26.36 41.85
N SER D 248 -18.14 27.18 42.89
CA SER D 248 -17.16 28.23 43.27
C SER D 248 -15.76 27.60 43.41
N GLU D 249 -15.68 26.31 43.71
CA GLU D 249 -14.40 25.62 44.04
C GLU D 249 -13.40 25.78 42.90
N PHE D 250 -13.87 25.80 41.65
CA PHE D 250 -13.01 25.85 40.44
C PHE D 250 -12.33 27.21 40.37
N ALA D 251 -13.11 28.26 40.67
CA ALA D 251 -12.68 29.67 40.76
C ALA D 251 -11.71 29.84 41.93
N THR D 252 -12.06 29.27 43.09
CA THR D 252 -11.28 29.41 44.35
C THR D 252 -9.89 28.81 44.10
N TYR D 253 -9.84 27.64 43.41
CA TYR D 253 -8.62 26.88 43.05
C TYR D 253 -7.69 27.77 42.18
N LEU D 254 -8.22 28.30 41.08
CA LEU D 254 -7.47 29.12 40.09
C LEU D 254 -6.97 30.40 40.77
N ASN D 255 -7.79 31.01 41.61
CA ASN D 255 -7.41 32.25 42.35
C ASN D 255 -6.22 31.91 43.28
N PHE D 256 -6.25 30.76 43.94
CA PHE D 256 -5.21 30.31 44.89
C PHE D 256 -3.90 30.10 44.14
N CYS D 257 -3.97 29.51 42.94
CA CYS D 257 -2.81 29.24 42.06
C CYS D 257 -2.21 30.55 41.55
N ARG D 258 -3.06 31.51 41.15
CA ARG D 258 -2.64 32.84 40.60
C ARG D 258 -2.03 33.70 41.72
N SER D 259 -2.26 33.32 42.99
CA SER D 259 -1.75 34.02 44.19
C SER D 259 -0.38 33.49 44.62
N LEU D 260 -0.03 32.28 44.19
CA LEU D 260 1.20 31.58 44.65
C LEU D 260 2.44 32.35 44.16
N ARG D 261 3.40 32.56 45.06
CA ARG D 261 4.73 33.11 44.73
C ARG D 261 5.51 32.08 43.90
N PHE D 262 6.47 32.56 43.11
CA PHE D 262 7.31 31.76 42.19
C PHE D 262 7.88 30.52 42.92
N ASP D 263 8.36 30.70 44.15
CA ASP D 263 9.08 29.63 44.88
C ASP D 263 8.23 29.07 46.02
N ASP D 264 6.95 29.41 46.06
CA ASP D 264 6.00 28.85 47.06
C ASP D 264 5.85 27.34 46.84
N LYS D 265 5.92 26.58 47.93
CA LYS D 265 5.35 25.21 48.01
C LYS D 265 3.84 25.34 48.14
N PRO D 266 3.06 24.87 47.14
CA PRO D 266 1.60 24.88 47.23
C PRO D 266 1.07 23.99 48.35
N ASP D 267 -0.08 24.36 48.90
CA ASP D 267 -0.87 23.55 49.86
C ASP D 267 -1.73 22.56 49.06
N TYR D 268 -1.11 21.52 48.47
CA TYR D 268 -1.79 20.46 47.70
C TYR D 268 -2.98 19.93 48.53
N SER D 269 -2.73 19.75 49.81
CA SER D 269 -3.74 19.24 50.77
C SER D 269 -4.99 20.11 50.73
N TYR D 270 -4.81 21.42 50.90
CA TYR D 270 -5.92 22.41 50.90
C TYR D 270 -6.75 22.22 49.61
N LEU D 271 -6.08 22.10 48.46
CA LEU D 271 -6.72 22.13 47.12
C LEU D 271 -7.51 20.84 46.94
N ARG D 272 -6.95 19.72 47.35
CA ARG D 272 -7.66 18.41 47.37
C ARG D 272 -8.91 18.55 48.26
N GLN D 273 -8.76 19.15 49.44
CA GLN D 273 -9.82 19.25 50.48
C GLN D 273 -10.92 20.18 49.96
N LEU D 274 -10.54 21.11 49.09
CA LEU D 274 -11.46 22.03 48.40
C LEU D 274 -12.51 21.21 47.65
N PHE D 275 -12.06 20.30 46.80
CA PHE D 275 -12.90 19.50 45.89
C PHE D 275 -13.53 18.33 46.64
N ARG D 276 -12.83 17.83 47.67
CA ARG D 276 -13.34 16.75 48.55
C ARG D 276 -14.60 17.25 49.26
N ASN D 277 -14.55 18.44 49.86
CA ASN D 277 -15.69 19.03 50.59
C ASN D 277 -16.88 19.16 49.62
N LEU D 278 -16.64 19.62 48.39
CA LEU D 278 -17.71 19.79 47.34
C LEU D 278 -18.25 18.41 46.95
N PHE D 279 -17.36 17.47 46.73
CA PHE D 279 -17.70 16.05 46.48
C PHE D 279 -18.71 15.58 47.53
N HIS D 280 -18.48 15.92 48.80
CA HIS D 280 -19.29 15.40 49.93
C HIS D 280 -20.63 16.17 49.99
N ARG D 281 -20.62 17.48 49.75
CA ARG D 281 -21.86 18.31 49.63
C ARG D 281 -22.76 17.73 48.53
N GLN D 282 -22.18 17.28 47.44
CA GLN D 282 -22.92 16.81 46.24
C GLN D 282 -23.46 15.40 46.50
N GLY D 283 -23.02 14.77 47.57
CA GLY D 283 -23.48 13.43 47.99
C GLY D 283 -22.90 12.31 47.11
N PHE D 284 -21.82 12.59 46.38
CA PHE D 284 -21.11 11.57 45.57
C PHE D 284 -20.32 10.64 46.51
N SER D 285 -20.15 9.39 46.11
CA SER D 285 -19.25 8.40 46.77
C SER D 285 -18.01 8.19 45.88
N TYR D 286 -16.82 8.05 46.52
CA TYR D 286 -15.54 7.71 45.87
C TYR D 286 -15.54 6.21 45.50
N ASP D 287 -16.25 5.83 44.43
CA ASP D 287 -16.43 4.44 43.97
C ASP D 287 -15.81 4.26 42.58
N TYR D 288 -15.20 5.32 42.02
CA TYR D 288 -14.38 5.29 40.79
C TYR D 288 -15.21 4.79 39.61
N VAL D 289 -16.49 5.11 39.63
CA VAL D 289 -17.39 4.96 38.45
C VAL D 289 -17.37 6.29 37.68
N PHE D 290 -16.48 6.40 36.70
CA PHE D 290 -16.39 7.56 35.77
C PHE D 290 -17.45 7.40 34.69
N ASP D 291 -17.75 8.47 33.95
CA ASP D 291 -18.83 8.53 32.94
C ASP D 291 -18.62 7.44 31.88
N TRP D 292 -17.38 7.28 31.42
CA TRP D 292 -17.03 6.30 30.37
C TRP D 292 -17.31 4.86 30.85
N ASN D 293 -17.24 4.61 32.17
CA ASN D 293 -17.58 3.29 32.80
C ASN D 293 -19.07 2.94 32.60
N MET D 294 -19.91 3.92 32.31
CA MET D 294 -21.39 3.75 32.30
C MET D 294 -21.87 3.54 30.86
N LEU D 295 -21.00 3.82 29.87
CA LEU D 295 -21.26 3.55 28.44
C LEU D 295 -21.55 2.07 28.24
N LYS D 296 -22.36 1.73 27.23
CA LYS D 296 -22.82 0.34 26.94
C LYS D 296 -23.02 0.20 25.42
S SO4 E . -9.71 -27.58 -27.33
O1 SO4 E . -11.02 -27.68 -26.71
O2 SO4 E . -9.80 -27.98 -28.71
O3 SO4 E . -8.78 -28.43 -26.65
O4 SO4 E . -9.26 -26.23 -27.27
S SO4 F . -20.41 -9.99 -36.03
O1 SO4 F . -19.48 -10.31 -37.09
O2 SO4 F . -20.77 -11.19 -35.34
O3 SO4 F . -21.58 -9.38 -36.60
O4 SO4 F . -19.79 -9.08 -35.12
N1 EX9 G . -7.49 -4.56 -28.04
C2 EX9 G . 0.14 -7.43 -23.40
N3 EX9 G . -2.90 -8.41 -25.10
C4 EX9 G . -0.32 -9.66 -24.14
N4 EX9 G . 2.91 -5.68 -26.59
C5 EX9 G . -0.60 -8.30 -24.17
C6 EX9 G . -1.67 -7.78 -25.06
O1 EX9 G . -9.17 -2.92 -27.39
S EX9 G . -8.76 -4.25 -27.10
O EX9 G . -8.40 -4.60 -25.77
C12 EX9 G . -10.06 -5.36 -27.62
C13 EX9 G . -11.31 -4.65 -28.23
C14 EX9 G . -12.44 -4.49 -27.19
N2 EX9 G . -13.37 -3.37 -27.47
C16 EX9 G . -14.65 -3.85 -27.99
C15 EX9 G . -13.58 -2.51 -26.29
C11 EX9 G . -6.13 -4.04 -27.80
C10 EX9 G . -5.70 -4.35 -26.36
C9 EX9 G . -4.20 -4.35 -26.20
C17 EX9 G . -5.17 -4.66 -28.79
C18 EX9 G . -4.49 -5.88 -28.19
C8 EX9 G . -3.54 -5.40 -27.09
N EX9 G . -2.99 -6.53 -26.30
C19 EX9 G . -3.66 -7.64 -25.84
C1 EX9 G . 1.17 -7.90 -22.60
C3 EX9 G . 0.72 -10.14 -23.35
C EX9 G . 1.42 -9.23 -22.59
F EX9 G . 2.37 -9.70 -21.75
C7 EX9 G . -1.69 -6.63 -25.82
C20 EX9 G . -0.60 -5.66 -26.11
C26 EX9 G . -0.87 -4.29 -26.02
C25 EX9 G . 0.17 -3.40 -26.23
N5 EX9 G . 1.44 -3.76 -26.46
C22 EX9 G . 1.69 -5.07 -26.52
C23 EX9 G . 2.72 -7.04 -26.53
C24 EX9 G . 1.40 -7.32 -26.40
C21 EX9 G . 0.72 -6.07 -26.39
S SO4 H . 3.19 19.45 2.05
O1 SO4 H . 2.08 18.71 1.51
O2 SO4 H . 3.61 18.85 3.29
O3 SO4 H . 4.29 19.42 1.12
O4 SO4 H . 2.79 20.82 2.29
S SO4 I . 29.36 25.96 -17.27
O1 SO4 I . 28.91 26.60 -18.47
O2 SO4 I . 29.46 24.53 -17.49
O3 SO4 I . 30.65 26.48 -16.89
O4 SO4 I . 28.41 26.21 -16.21
S SO4 J . 1.39 37.29 -12.24
O1 SO4 J . 2.24 36.24 -12.70
O2 SO4 J . 0.33 36.74 -11.44
O3 SO4 J . 2.18 38.21 -11.45
O4 SO4 J . 0.83 37.99 -13.38
N1 EX9 K . 1.86 14.19 -13.29
C2 EX9 K . 1.62 16.56 -21.59
N3 EX9 K . 1.83 17.73 -18.14
C4 EX9 K . 2.07 18.83 -20.96
N4 EX9 K . 5.69 14.72 -22.44
C5 EX9 K . 1.99 17.48 -20.61
C6 EX9 K . 2.31 17.02 -19.24
O1 EX9 K . -0.46 14.33 -12.51
S EX9 K . 0.78 13.68 -12.21
O EX9 K . 0.83 12.24 -12.23
C12 EX9 K . 1.33 14.22 -10.61
C13 EX9 K . 0.35 15.25 -9.97
C14 EX9 K . 1.09 16.40 -9.27
N2 EX9 K . 1.16 17.65 -10.07
C16 EX9 K . -0.16 18.24 -10.30
C15 EX9 K . 1.86 17.45 -11.35
C11 EX9 K . 2.72 13.26 -14.03
C10 EX9 K . 2.01 12.76 -15.26
C9 EX9 K . 1.73 13.90 -16.23
C17 EX9 K . 4.01 13.94 -14.42
C18 EX9 K . 3.77 15.13 -15.33
C8 EX9 K . 3.00 14.67 -16.57
N EX9 K . 2.71 15.81 -17.45
C19 EX9 K . 2.09 16.98 -17.11
C1 EX9 K . 1.30 16.97 -22.87
C3 EX9 K . 1.79 19.24 -22.25
C EX9 K . 1.39 18.30 -23.16
F EX9 K . 1.04 18.71 -24.41
C7 EX9 K . 2.89 15.84 -18.81
C20 EX9 K . 3.63 14.83 -19.57
C26 EX9 K . 3.29 13.48 -19.40
C25 EX9 K . 3.84 12.56 -20.26
N5 EX9 K . 4.66 12.86 -21.27
C22 EX9 K . 4.98 14.15 -21.43
C23 EX9 K . 5.68 16.09 -22.26
C24 EX9 K . 4.97 16.41 -21.16
C21 EX9 K . 4.51 15.18 -20.60
S SO4 L . -7.66 -37.87 29.34
O1 SO4 L . -8.89 -37.68 28.63
O2 SO4 L . -7.73 -39.08 30.10
O3 SO4 L . -6.56 -37.97 28.39
O4 SO4 L . -7.42 -36.76 30.22
S SO4 M . 4.56 -23.53 2.10
O1 SO4 M . 3.71 -24.68 2.25
O2 SO4 M . 5.18 -23.54 0.80
O3 SO4 M . 5.58 -23.57 3.11
O4 SO4 M . 3.78 -22.33 2.26
S SO4 N . -17.60 -27.08 2.43
O1 SO4 N . -18.90 -27.02 1.82
O2 SO4 N . -17.18 -28.46 2.55
O3 SO4 N . -16.66 -26.36 1.63
O4 SO4 N . -17.68 -26.49 3.74
N1 EX9 O . -1.97 -11.92 12.88
C2 EX9 O . -9.91 -11.30 16.40
N3 EX9 O . -8.27 -13.56 14.03
C4 EX9 O . -10.92 -13.22 15.40
N4 EX9 O . -8.46 -12.63 20.48
C5 EX9 O . -9.78 -12.50 15.71
C6 EX9 O . -8.44 -12.99 15.29
O1 EX9 O . -1.80 -11.73 10.45
S EX9 O . -1.91 -12.72 11.47
O EX9 O . -3.04 -13.62 11.46
C12 EX9 O . -0.42 -13.68 11.45
C13 EX9 O . -0.51 -14.86 10.44
C14 EX9 O . -0.68 -14.41 9.00
N2 EX9 O . 0.57 -14.37 8.22
C16 EX9 O . 0.30 -14.49 6.78
C15 EX9 O . 1.35 -13.14 8.49
C11 EX9 O . -2.03 -12.53 14.23
C10 EX9 O . -2.88 -11.64 15.11
C9 EX9 O . -4.33 -11.72 14.74
C17 EX9 O . -2.52 -13.99 14.28
C18 EX9 O . -4.07 -14.11 14.17
C8 EX9 O . -4.79 -13.12 15.06
N EX9 O . -6.27 -13.24 14.96
C19 EX9 O . -6.98 -13.69 13.88
C1 EX9 O . -11.16 -10.80 16.74
C3 EX9 O . -12.17 -12.75 15.74
C EX9 O . -12.26 -11.54 16.41
F EX9 O . -13.49 -11.10 16.82
C7 EX9 O . -7.21 -12.83 15.91
C20 EX9 O . -6.91 -12.41 17.28
C26 EX9 O . -5.88 -11.50 17.52
C25 EX9 O . -5.73 -10.99 18.81
N5 EX9 O . -6.51 -11.31 19.85
C22 EX9 O . -7.49 -12.20 19.61
C23 EX9 O . -9.31 -13.47 19.80
C24 EX9 O . -8.91 -13.60 18.51
C21 EX9 O . -7.74 -12.79 18.36
S SO4 P . -6.03 25.63 20.51
O1 SO4 P . -6.28 24.40 19.80
O2 SO4 P . -6.45 25.48 21.89
O3 SO4 P . -6.78 26.69 19.90
O4 SO4 P . -4.62 25.94 20.47
S SO4 Q . -5.24 15.44 51.67
O1 SO4 Q . -5.96 15.20 52.89
O2 SO4 Q . -5.41 14.33 50.78
O3 SO4 Q . -3.84 15.61 51.97
O4 SO4 Q . -5.75 16.63 51.04
S SO4 R . 14.36 25.54 29.77
O1 SO4 R . 15.15 25.03 30.86
O2 SO4 R . 13.78 24.46 29.04
O3 SO4 R . 15.22 26.30 28.89
O4 SO4 R . 13.32 26.39 30.27
N1 EX9 S . -2.08 9.88 22.21
C2 EX9 S . 5.22 4.82 26.18
N3 EX9 S . 4.10 8.17 25.41
C4 EX9 S . 6.05 6.78 27.25
N4 EX9 S . 2.22 3.20 29.29
C5 EX9 S . 5.07 6.17 26.50
C6 EX9 S . 3.91 6.93 26.00
O1 EX9 S . -0.25 10.53 20.74
S EX9 S . -1.66 10.42 20.75
O EX9 S . -2.30 9.56 19.80
C12 EX9 S . -2.34 12.05 20.56
C13 EX9 S . -3.48 12.12 19.50
C14 EX9 S . -2.94 12.68 18.18
N2 EX9 S . -3.97 12.84 17.12
C16 EX9 S . -5.09 13.67 17.58
C15 EX9 S . -4.46 11.53 16.64
C11 EX9 S . -1.09 9.26 23.09
C10 EX9 S . -0.84 7.84 22.75
C9 EX9 S . 0.44 7.38 23.39
C17 EX9 S . -1.39 9.38 24.53
C18 EX9 S . -0.16 9.00 25.36
C8 EX9 S . 0.52 7.68 24.90
N EX9 S . 1.93 7.65 25.34
C19 EX9 S . 2.92 8.57 25.04
C1 EX9 S . 6.35 4.13 26.57
C3 EX9 S . 7.17 6.10 27.65
C EX9 S . 7.30 4.79 27.28
F EX9 S . 8.46 4.15 27.58
C7 EX9 S . 2.57 6.59 25.98
C20 EX9 S . 1.88 5.39 26.53
C26 EX9 S . 0.95 4.72 25.74
C25 EX9 S . 0.41 3.54 26.21
N5 EX9 S . 0.73 2.96 27.39
C22 EX9 S . 1.65 3.62 28.12
C23 EX9 S . 3.14 4.15 29.68
C24 EX9 S . 3.19 5.15 28.78
C21 EX9 S . 2.24 4.84 27.77
#